data_9J2L
#
_entry.id   9J2L
#
_cell.length_a   142.370
_cell.length_b   142.370
_cell.length_c   131.628
_cell.angle_alpha   90.00
_cell.angle_beta   90.00
_cell.angle_gamma   90.00
#
_symmetry.space_group_name_H-M   'P 43 21 2'
#
loop_
_entity.id
_entity.type
_entity.pdbx_description
1 polymer '4,5-DOPA dioxygenase extradiol'
2 non-polymer 'CITRIC ACID'
3 non-polymer 'FE (II) ION'
4 non-polymer 2-AMINO-2-HYDROXYMETHYL-PROPANE-1,3-DIOL
5 non-polymer GLYCEROL
6 non-polymer DI(HYDROXYETHYL)ETHER
7 water water
#
_entity_poly.entity_id   1
_entity_poly.type   'polypeptide(L)'
_entity_poly.pdbx_seq_one_letter_code
;MKGTYYINHGDPLMYLKKHIKLRQFLEGWQENVVIEKPKSILIISAHWDTNVPTVNFVEHCDTIHDFDDYPDPLYQIQYR
APGAPNLAKKVEELLKESGMECEIDTKRGLDHAAWFPLMFMYPEANIPICELSVQPSKDGIHHYNVGKALSPLLQQGVLI
IGSGGTVHPSDDTPHCPNGVAPWAIEFDNWLEDALLSGRYEDVNNFKKLAPNWEISHPGQEHLYPLHVALGAAGKNPKTQ
LIHRSWAANGVFGYSTYNFTPTTQKTDLEHHHHHH
;
_entity_poly.pdbx_strand_id   A,B,C
#
loop_
_chem_comp.id
_chem_comp.type
_chem_comp.name
_chem_comp.formula
CIT non-polymer 'CITRIC ACID' 'C6 H8 O7'
FE2 non-polymer 'FE (II) ION' 'Fe 2'
GOL non-polymer GLYCEROL 'C3 H8 O3'
PEG non-polymer DI(HYDROXYETHYL)ETHER 'C4 H10 O3'
TRS non-polymer 2-AMINO-2-HYDROXYMETHYL-PROPANE-1,3-DIOL 'C4 H12 N O3 1'
#
# COMPACT_ATOMS: atom_id res chain seq x y z
N MET A 1 6.92 7.36 36.01
CA MET A 1 8.02 6.78 35.26
C MET A 1 8.74 7.86 34.46
N LYS A 2 10.02 7.61 34.19
CA LYS A 2 10.78 8.43 33.28
C LYS A 2 11.22 7.57 32.12
N GLY A 3 11.66 8.23 31.06
CA GLY A 3 12.16 7.51 29.91
C GLY A 3 11.21 7.54 28.73
N THR A 4 11.29 6.50 27.93
CA THR A 4 10.52 6.36 26.69
C THR A 4 9.59 5.15 26.81
N TYR A 5 8.72 5.01 25.81
CA TYR A 5 7.65 4.03 25.89
C TYR A 5 7.44 3.41 24.53
N TYR A 6 7.06 2.13 24.53
CA TYR A 6 6.50 1.48 23.35
C TYR A 6 5.07 1.10 23.69
N ILE A 7 4.10 1.75 23.06
CA ILE A 7 2.70 1.51 23.32
C ILE A 7 2.06 0.87 22.09
N ASN A 8 0.82 0.45 22.23
CA ASN A 8 0.03 -0.04 21.12
C ASN A 8 -1.13 0.93 20.92
N HIS A 9 -1.38 1.33 19.67
CA HIS A 9 -2.52 2.20 19.45
C HIS A 9 -3.81 1.41 19.48
N GLY A 10 -3.74 0.11 19.23
CA GLY A 10 -4.88 -0.78 19.35
C GLY A 10 -5.96 -0.60 18.28
N ASP A 11 -7.07 -1.27 18.55
CA ASP A 11 -8.18 -1.37 17.63
C ASP A 11 -9.05 -0.13 17.71
N PRO A 12 -9.18 0.64 16.63
CA PRO A 12 -10.03 1.85 16.67
C PRO A 12 -11.45 1.59 17.18
N LEU A 13 -11.92 0.35 17.06
CA LEU A 13 -13.25 0.04 17.59
C LEU A 13 -13.33 0.27 19.08
N MET A 14 -12.21 0.23 19.80
CA MET A 14 -12.30 0.41 21.25
C MET A 14 -12.85 1.79 21.60
N TYR A 15 -12.87 2.73 20.65
CA TYR A 15 -13.49 4.02 20.89
C TYR A 15 -14.96 3.85 21.24
N LEU A 16 -15.62 2.84 20.66
CA LEU A 16 -17.03 2.60 20.89
C LEU A 16 -17.30 1.62 22.03
N LYS A 17 -16.27 0.96 22.55
CA LYS A 17 -16.44 -0.12 23.50
C LYS A 17 -16.18 0.33 24.92
N LYS A 18 -16.63 -0.49 25.87
CA LYS A 18 -16.54 -0.18 27.27
C LYS A 18 -15.58 -1.08 28.04
N HIS A 19 -15.17 -2.21 27.48
CA HIS A 19 -14.50 -3.22 28.30
C HIS A 19 -13.16 -3.63 27.72
N ILE A 20 -12.52 -2.76 26.96
CA ILE A 20 -11.20 -3.02 26.41
C ILE A 20 -10.15 -2.51 27.40
N LYS A 21 -9.31 -3.42 27.89
CA LYS A 21 -8.34 -3.06 28.92
C LYS A 21 -7.28 -2.09 28.39
N LEU A 22 -6.87 -2.26 27.12
CA LEU A 22 -5.90 -1.34 26.55
C LEU A 22 -6.38 0.11 26.61
N ARG A 23 -7.66 0.35 26.34
CA ARG A 23 -8.17 1.71 26.42
C ARG A 23 -8.10 2.23 27.84
N GLN A 24 -8.50 1.39 28.81
CA GLN A 24 -8.39 1.78 30.22
C GLN A 24 -6.95 2.13 30.61
N PHE A 25 -5.99 1.32 30.16
CA PHE A 25 -4.61 1.66 30.42
C PHE A 25 -4.25 3.02 29.85
N LEU A 26 -4.62 3.27 28.59
CA LEU A 26 -4.28 4.56 27.96
C LEU A 26 -4.97 5.72 28.66
N GLU A 27 -6.26 5.56 28.99
CA GLU A 27 -6.96 6.61 29.72
C GLU A 27 -6.27 6.94 31.04
N GLY A 28 -5.69 5.94 31.70
CA GLY A 28 -5.01 6.21 32.96
C GLY A 28 -3.59 6.73 32.82
N TRP A 29 -3.17 7.09 31.60
CA TRP A 29 -1.78 7.44 31.36
C TRP A 29 -1.27 8.52 32.31
N GLN A 30 -2.03 9.61 32.47
CA GLN A 30 -1.55 10.73 33.26
C GLN A 30 -1.59 10.46 34.76
N GLU A 31 -2.35 9.45 35.18
CA GLU A 31 -2.37 9.14 36.60
C GLU A 31 -1.36 8.06 36.97
N ASN A 32 -1.10 7.12 36.07
CA ASN A 32 -0.32 5.93 36.41
C ASN A 32 1.00 5.79 35.67
N VAL A 33 1.24 6.57 34.63
CA VAL A 33 2.41 6.35 33.80
C VAL A 33 3.29 7.58 33.82
N VAL A 34 2.81 8.71 33.28
CA VAL A 34 3.58 9.96 33.22
C VAL A 34 2.79 11.06 33.91
N ILE A 35 3.18 11.39 35.15
CA ILE A 35 2.51 12.45 35.90
C ILE A 35 2.79 13.82 35.30
N GLU A 36 4.05 14.10 35.01
CA GLU A 36 4.46 15.44 34.60
C GLU A 36 4.02 15.72 33.17
N LYS A 37 3.47 16.89 32.95
CA LYS A 37 3.11 17.33 31.61
C LYS A 37 4.35 17.47 30.72
N PRO A 38 4.42 16.77 29.59
CA PRO A 38 5.60 16.94 28.72
C PRO A 38 5.53 18.24 27.95
N LYS A 39 6.71 18.74 27.57
CA LYS A 39 6.78 19.91 26.72
C LYS A 39 6.28 19.60 25.31
N SER A 40 6.50 18.37 24.86
CA SER A 40 6.10 17.96 23.53
C SER A 40 6.24 16.46 23.46
N ILE A 41 5.65 15.87 22.43
CA ILE A 41 5.59 14.41 22.29
C ILE A 41 6.08 14.04 20.89
N LEU A 42 6.96 13.06 20.82
CA LEU A 42 7.40 12.47 19.56
C LEU A 42 6.80 11.09 19.48
N ILE A 43 5.92 10.87 18.50
CA ILE A 43 5.31 9.57 18.25
C ILE A 43 6.01 8.95 17.06
N ILE A 44 6.63 7.80 17.27
CA ILE A 44 7.13 6.98 16.16
C ILE A 44 6.00 6.07 15.70
N SER A 45 5.54 6.26 14.47
CA SER A 45 4.26 5.73 14.00
C SER A 45 4.47 4.49 13.14
N ALA A 46 3.83 3.40 13.51
CA ALA A 46 3.84 2.22 12.66
C ALA A 46 3.13 2.48 11.34
N HIS A 47 2.30 3.52 11.25
CA HIS A 47 1.45 3.71 10.07
C HIS A 47 1.98 4.80 9.17
N TRP A 48 3.20 5.26 9.39
CA TRP A 48 3.88 6.18 8.47
C TRP A 48 5.16 5.47 8.02
N ASP A 49 5.14 4.97 6.79
CA ASP A 49 6.14 4.05 6.29
C ASP A 49 6.88 4.76 5.16
N THR A 50 8.17 5.00 5.35
CA THR A 50 8.97 5.74 4.39
C THR A 50 10.30 5.04 4.17
N ASN A 51 11.05 5.56 3.20
CA ASN A 51 12.38 5.03 2.91
C ASN A 51 13.43 5.57 3.86
N VAL A 52 13.35 6.85 4.18
CA VAL A 52 14.30 7.46 5.12
C VAL A 52 13.49 8.08 6.25
N PRO A 53 14.06 8.20 7.45
CA PRO A 53 13.32 8.84 8.55
C PRO A 53 12.70 10.16 8.12
N THR A 54 11.44 10.34 8.42
CA THR A 54 10.74 11.56 8.04
C THR A 54 9.91 12.05 9.22
N VAL A 55 9.84 13.35 9.35
CA VAL A 55 9.22 13.98 10.49
C VAL A 55 8.25 15.04 9.95
N ASN A 56 7.13 15.25 10.63
CA ASN A 56 6.18 16.23 10.13
C ASN A 56 6.36 17.55 10.85
N PHE A 57 6.15 18.64 10.13
CA PHE A 57 6.51 19.99 10.53
C PHE A 57 5.30 20.85 10.21
N VAL A 58 4.39 20.98 11.17
CA VAL A 58 3.12 21.68 10.95
C VAL A 58 2.78 22.45 12.22
N GLU A 59 1.99 23.51 12.06
CA GLU A 59 1.56 24.25 13.24
C GLU A 59 0.32 23.61 13.87
N HIS A 60 -0.60 23.14 13.04
CA HIS A 60 -1.82 22.48 13.50
C HIS A 60 -1.88 21.07 12.91
N CYS A 61 -2.13 20.07 13.76
CA CYS A 61 -2.23 18.70 13.27
C CYS A 61 -3.63 18.40 12.74
N ASP A 62 -3.69 18.07 11.45
CA ASP A 62 -4.85 17.39 10.95
C ASP A 62 -4.99 16.03 11.64
N THR A 63 -6.21 15.51 11.61
CA THR A 63 -6.50 14.17 12.09
C THR A 63 -6.69 13.27 10.87
N ILE A 64 -5.74 12.39 10.61
CA ILE A 64 -5.84 11.50 9.45
C ILE A 64 -6.55 10.23 9.87
N HIS A 65 -7.69 9.94 9.24
CA HIS A 65 -8.46 8.74 9.59
C HIS A 65 -8.06 7.61 8.65
N ASP A 66 -6.79 7.20 8.76
CA ASP A 66 -6.24 6.22 7.82
C ASP A 66 -6.56 4.81 8.31
N PHE A 67 -7.85 4.46 8.22
CA PHE A 67 -8.26 3.10 8.50
C PHE A 67 -9.54 2.84 7.74
N ASP A 68 -9.79 1.55 7.47
CA ASP A 68 -10.79 1.11 6.49
C ASP A 68 -11.97 0.43 7.16
N ASP A 69 -13.17 0.85 6.78
CA ASP A 69 -14.39 0.12 7.04
C ASP A 69 -14.73 0.09 8.53
N TYR A 70 -14.52 1.17 9.20
CA TYR A 70 -14.95 1.30 10.57
C TYR A 70 -16.27 2.05 10.62
N PRO A 71 -16.98 2.03 11.75
CA PRO A 71 -18.24 2.79 11.83
C PRO A 71 -18.01 4.28 11.68
N ASP A 72 -19.02 4.95 11.13
CA ASP A 72 -18.96 6.40 10.86
C ASP A 72 -18.42 7.25 12.00
N PRO A 73 -18.82 7.06 13.25
CA PRO A 73 -18.27 7.93 14.31
C PRO A 73 -16.76 7.97 14.32
N LEU A 74 -16.08 6.87 13.96
CA LEU A 74 -14.63 6.88 13.99
C LEU A 74 -14.06 7.95 13.07
N TYR A 75 -14.77 8.26 11.99
CA TYR A 75 -14.28 9.24 11.01
C TYR A 75 -14.61 10.66 11.39
N GLN A 76 -15.35 10.89 12.47
CA GLN A 76 -15.67 12.25 12.87
C GLN A 76 -14.79 12.73 14.01
N ILE A 77 -13.99 11.86 14.60
CA ILE A 77 -13.11 12.26 15.69
C ILE A 77 -12.09 13.27 15.17
N GLN A 78 -11.91 14.36 15.91
CA GLN A 78 -10.86 15.31 15.64
C GLN A 78 -9.99 15.43 16.88
N TYR A 79 -8.68 15.25 16.71
CA TYR A 79 -7.73 15.44 17.82
C TYR A 79 -6.93 16.68 17.48
N ARG A 80 -7.35 17.83 18.01
CA ARG A 80 -6.86 19.12 17.52
C ARG A 80 -5.63 19.55 18.30
N ALA A 81 -4.60 18.76 18.17
CA ALA A 81 -3.36 19.06 18.86
C ALA A 81 -2.54 20.06 18.05
N PRO A 82 -1.75 20.90 18.72
CA PRO A 82 -0.77 21.70 18.00
C PRO A 82 0.32 20.79 17.48
N GLY A 83 0.91 21.18 16.35
CA GLY A 83 2.11 20.52 15.89
C GLY A 83 3.30 20.90 16.75
N ALA A 84 4.44 20.30 16.46
CA ALA A 84 5.67 20.58 17.19
C ALA A 84 6.79 20.84 16.19
N PRO A 85 6.72 21.96 15.47
CA PRO A 85 7.74 22.23 14.44
C PRO A 85 9.15 22.35 14.97
N ASN A 86 9.35 22.90 16.16
CA ASN A 86 10.71 22.97 16.68
C ASN A 86 11.23 21.59 17.04
N LEU A 87 10.38 20.75 17.64
CA LEU A 87 10.78 19.38 17.88
C LEU A 87 11.17 18.69 16.58
N ALA A 88 10.39 18.90 15.52
CA ALA A 88 10.68 18.29 14.22
C ALA A 88 12.06 18.72 13.71
N LYS A 89 12.35 20.03 13.75
CA LYS A 89 13.66 20.48 13.31
C LYS A 89 14.76 19.91 14.18
N LYS A 90 14.50 19.76 15.48
CA LYS A 90 15.54 19.22 16.35
C LYS A 90 15.79 17.75 16.04
N VAL A 91 14.72 16.99 15.73
CA VAL A 91 14.91 15.61 15.32
C VAL A 91 15.72 15.52 14.04
N GLU A 92 15.43 16.40 13.08
CA GLU A 92 16.19 16.39 11.84
C GLU A 92 17.66 16.67 12.10
N GLU A 93 17.96 17.67 12.94
CA GLU A 93 19.36 17.97 13.22
C GLU A 93 20.03 16.81 13.93
N LEU A 94 19.38 16.25 14.94
CA LEU A 94 19.99 15.16 15.70
C LEU A 94 20.28 13.96 14.82
N LEU A 95 19.37 13.64 13.91
CA LEU A 95 19.63 12.51 13.02
C LEU A 95 20.80 12.81 12.09
N LYS A 96 20.83 14.00 11.49
CA LYS A 96 21.91 14.33 10.57
C LYS A 96 23.24 14.43 11.31
N GLU A 97 23.25 14.99 12.53
CA GLU A 97 24.48 15.02 13.29
C GLU A 97 25.00 13.61 13.58
N SER A 98 24.14 12.60 13.56
CA SER A 98 24.60 11.23 13.75
C SER A 98 24.82 10.49 12.43
N GLY A 99 24.82 11.19 11.31
CA GLY A 99 25.12 10.53 10.07
C GLY A 99 23.96 9.85 9.42
N MET A 100 22.74 10.08 9.89
CA MET A 100 21.55 9.50 9.29
C MET A 100 20.77 10.57 8.56
N GLU A 101 20.09 10.18 7.49
CA GLU A 101 19.30 11.18 6.78
C GLU A 101 17.93 11.33 7.45
N CYS A 102 17.31 12.48 7.22
CA CYS A 102 15.99 12.76 7.78
C CYS A 102 15.33 13.79 6.89
N GLU A 103 14.12 13.50 6.45
CA GLU A 103 13.37 14.45 5.64
C GLU A 103 12.26 15.06 6.47
N ILE A 104 11.69 16.13 5.95
CA ILE A 104 10.69 16.93 6.65
C ILE A 104 9.46 17.04 5.76
N ASP A 105 8.30 16.69 6.30
CA ASP A 105 7.04 16.83 5.60
C ASP A 105 6.27 17.98 6.24
N THR A 106 6.04 19.05 5.48
CA THR A 106 5.41 20.26 5.99
C THR A 106 3.87 20.23 5.87
N LYS A 107 3.27 19.13 5.45
CA LYS A 107 1.82 19.07 5.30
C LYS A 107 1.15 18.00 6.14
N ARG A 108 1.79 16.87 6.37
CA ARG A 108 1.12 15.71 6.97
C ARG A 108 0.73 15.95 8.44
N GLY A 109 -0.54 15.65 8.76
CA GLY A 109 -1.01 15.65 10.13
C GLY A 109 -0.66 14.35 10.83
N LEU A 110 -1.46 14.00 11.82
CA LEU A 110 -1.25 12.77 12.59
C LEU A 110 -2.10 11.63 12.03
N ASP A 111 -1.46 10.48 11.82
CA ASP A 111 -2.22 9.29 11.52
C ASP A 111 -2.73 8.69 12.83
N HIS A 112 -3.58 7.67 12.72
CA HIS A 112 -4.24 7.20 13.94
C HIS A 112 -3.29 6.48 14.89
N ALA A 113 -2.10 6.06 14.44
CA ALA A 113 -1.11 5.54 15.37
C ALA A 113 -0.75 6.57 16.43
N ALA A 114 -0.88 7.85 16.09
CA ALA A 114 -0.60 8.92 17.03
C ALA A 114 -1.86 9.40 17.73
N TRP A 115 -2.84 9.92 16.97
CA TRP A 115 -3.94 10.62 17.64
C TRP A 115 -4.86 9.67 18.39
N PHE A 116 -4.95 8.40 17.97
CA PHE A 116 -5.92 7.53 18.64
C PHE A 116 -5.50 7.23 20.07
N PRO A 117 -4.29 6.74 20.36
CA PRO A 117 -3.92 6.61 21.78
C PRO A 117 -3.81 7.95 22.48
N LEU A 118 -3.31 8.99 21.78
CA LEU A 118 -3.12 10.28 22.45
C LEU A 118 -4.45 10.88 22.89
N MET A 119 -5.54 10.62 22.16
CA MET A 119 -6.79 11.21 22.61
C MET A 119 -7.27 10.60 23.92
N PHE A 120 -6.80 9.40 24.27
CA PHE A 120 -7.07 8.85 25.60
C PHE A 120 -6.03 9.30 26.63
N MET A 121 -4.75 9.33 26.24
CA MET A 121 -3.69 9.72 27.16
C MET A 121 -3.78 11.20 27.50
N TYR A 122 -3.93 12.04 26.48
CA TYR A 122 -3.93 13.49 26.62
C TYR A 122 -5.15 14.04 25.91
N PRO A 123 -6.34 13.82 26.48
CA PRO A 123 -7.58 14.19 25.77
C PRO A 123 -7.73 15.68 25.53
N GLU A 124 -6.99 16.52 26.25
CA GLU A 124 -7.14 17.95 26.05
C GLU A 124 -6.41 18.46 24.82
N ALA A 125 -5.62 17.63 24.15
CA ALA A 125 -5.03 17.97 22.87
C ALA A 125 -4.24 19.26 22.94
N ASN A 126 -3.59 19.52 24.08
CA ASN A 126 -2.81 20.74 24.27
C ASN A 126 -1.30 20.50 24.28
N ILE A 127 -0.85 19.28 24.02
CA ILE A 127 0.58 18.98 23.94
C ILE A 127 1.03 19.00 22.49
N PRO A 128 2.06 19.75 22.13
CA PRO A 128 2.58 19.70 20.75
C PRO A 128 3.01 18.30 20.38
N ILE A 129 2.56 17.83 19.21
CA ILE A 129 2.85 16.48 18.73
C ILE A 129 3.62 16.53 17.43
N CYS A 130 4.65 15.71 17.33
CA CYS A 130 5.39 15.50 16.10
C CYS A 130 5.48 13.99 15.87
N GLU A 131 5.29 13.57 14.64
CA GLU A 131 5.34 12.17 14.28
C GLU A 131 6.65 11.87 13.55
N LEU A 132 7.19 10.68 13.76
CA LEU A 132 8.37 10.20 13.05
C LEU A 132 8.01 8.88 12.39
N SER A 133 8.42 8.73 11.14
CA SER A 133 8.09 7.54 10.36
C SER A 133 9.02 6.36 10.70
N VAL A 134 8.58 5.16 10.35
CA VAL A 134 9.47 4.00 10.37
C VAL A 134 9.82 3.64 8.93
N GLN A 135 10.86 2.83 8.78
CA GLN A 135 11.41 2.45 7.48
C GLN A 135 11.38 0.93 7.41
N PRO A 136 10.25 0.35 7.04
CA PRO A 136 10.07 -1.10 7.23
C PRO A 136 10.98 -1.96 6.36
N SER A 137 11.60 -1.42 5.32
CA SER A 137 12.56 -2.22 4.56
C SER A 137 13.95 -2.20 5.18
N LYS A 138 14.15 -1.46 6.27
CA LYS A 138 15.39 -1.47 7.02
C LYS A 138 15.23 -2.31 8.28
N ASP A 139 16.34 -2.59 8.96
CA ASP A 139 16.33 -3.60 9.99
C ASP A 139 16.15 -3.00 11.37
N GLY A 140 16.11 -3.87 12.38
CA GLY A 140 15.92 -3.41 13.73
C GLY A 140 17.04 -2.49 14.18
N ILE A 141 18.26 -2.75 13.71
CA ILE A 141 19.43 -1.99 14.12
C ILE A 141 19.34 -0.57 13.59
N HIS A 142 18.84 -0.40 12.37
CA HIS A 142 18.61 0.93 11.83
C HIS A 142 17.70 1.73 12.76
N HIS A 143 16.60 1.11 13.18
CA HIS A 143 15.62 1.83 13.97
C HIS A 143 16.16 2.14 15.36
N TYR A 144 16.95 1.21 15.91
CA TYR A 144 17.61 1.44 17.18
C TYR A 144 18.55 2.63 17.09
N ASN A 145 19.29 2.75 15.98
CA ASN A 145 20.21 3.88 15.80
C ASN A 145 19.49 5.19 15.59
N VAL A 146 18.31 5.18 14.93
CA VAL A 146 17.48 6.38 14.88
C VAL A 146 17.15 6.85 16.29
N GLY A 147 16.74 5.92 17.15
CA GLY A 147 16.40 6.29 18.51
C GLY A 147 17.59 6.77 19.31
N LYS A 148 18.74 6.10 19.16
CA LYS A 148 19.95 6.52 19.86
C LYS A 148 20.30 7.97 19.53
N ALA A 149 20.14 8.37 18.28
CA ALA A 149 20.40 9.76 17.92
C ALA A 149 19.45 10.71 18.65
N LEU A 150 18.29 10.24 19.05
CA LEU A 150 17.27 11.12 19.62
C LEU A 150 17.34 11.22 21.14
N SER A 151 18.15 10.40 21.80
CA SER A 151 18.11 10.39 23.25
C SER A 151 18.42 11.73 23.91
N PRO A 152 19.16 12.68 23.30
CA PRO A 152 19.30 13.99 23.98
C PRO A 152 17.97 14.68 24.21
N LEU A 153 16.95 14.37 23.42
CA LEU A 153 15.65 14.99 23.64
C LEU A 153 15.07 14.73 25.03
N LEU A 154 15.52 13.68 25.73
CA LEU A 154 14.94 13.35 27.02
C LEU A 154 15.21 14.45 28.05
N GLN A 155 16.40 15.04 28.01
CA GLN A 155 16.69 16.13 28.93
C GLN A 155 16.00 17.44 28.55
N GLN A 156 15.26 17.47 27.43
CA GLN A 156 14.56 18.67 27.00
C GLN A 156 13.05 18.57 27.21
N GLY A 157 12.60 17.62 28.03
CA GLY A 157 11.19 17.50 28.34
C GLY A 157 10.35 16.82 27.27
N VAL A 158 10.97 16.08 26.37
CA VAL A 158 10.23 15.45 25.28
C VAL A 158 9.83 14.05 25.70
N LEU A 159 8.55 13.72 25.49
CA LEU A 159 8.03 12.38 25.72
C LEU A 159 8.09 11.60 24.40
N ILE A 160 8.93 10.59 24.34
CA ILE A 160 9.13 9.82 23.12
C ILE A 160 8.38 8.50 23.23
N ILE A 161 7.51 8.25 22.25
CA ILE A 161 6.60 7.11 22.30
C ILE A 161 6.59 6.42 20.94
N GLY A 162 6.97 5.15 20.91
CA GLY A 162 6.75 4.34 19.72
C GLY A 162 5.35 3.75 19.77
N SER A 163 4.62 3.83 18.67
CA SER A 163 3.23 3.39 18.63
C SER A 163 3.10 2.31 17.57
N GLY A 164 3.00 1.06 18.01
CA GLY A 164 2.92 -0.07 17.11
C GLY A 164 1.91 -1.10 17.57
N GLY A 165 2.25 -2.37 17.38
CA GLY A 165 1.45 -3.49 17.81
C GLY A 165 2.38 -4.64 18.11
N THR A 166 2.41 -5.10 19.36
CA THR A 166 3.49 -5.97 19.80
C THR A 166 3.45 -7.32 19.09
N VAL A 167 2.25 -7.84 18.86
CA VAL A 167 2.02 -9.00 18.00
C VAL A 167 0.98 -8.59 16.98
N HIS A 168 1.37 -8.55 15.72
CA HIS A 168 0.60 -7.88 14.68
C HIS A 168 0.62 -8.73 13.42
N PRO A 169 -0.07 -9.86 13.42
CA PRO A 169 -0.01 -10.75 12.26
C PRO A 169 -0.80 -10.20 11.09
N SER A 170 -0.64 -10.89 9.97
CA SER A 170 -1.47 -10.72 8.79
C SER A 170 -2.94 -10.97 9.12
N ASP A 171 -3.82 -10.29 8.39
CA ASP A 171 -5.24 -10.56 8.50
C ASP A 171 -5.59 -11.99 8.16
N ASP A 172 -4.76 -12.68 7.37
CA ASP A 172 -5.00 -14.07 6.99
C ASP A 172 -4.64 -15.08 8.07
N THR A 173 -3.93 -14.68 9.09
CA THR A 173 -3.56 -15.63 10.12
C THR A 173 -4.80 -16.03 10.93
N PRO A 174 -5.08 -17.32 11.08
CA PRO A 174 -6.31 -17.72 11.76
C PRO A 174 -6.31 -17.31 13.23
N HIS A 175 -7.51 -17.14 13.76
CA HIS A 175 -7.70 -16.68 15.13
C HIS A 175 -7.69 -17.83 16.13
N CYS A 176 -7.47 -17.49 17.40
CA CYS A 176 -7.70 -18.40 18.51
C CYS A 176 -8.66 -17.65 19.43
N PRO A 177 -9.95 -17.66 19.12
CA PRO A 177 -10.88 -16.71 19.75
C PRO A 177 -10.91 -16.86 21.26
N ASN A 178 -10.73 -15.75 21.97
CA ASN A 178 -10.84 -15.68 23.42
C ASN A 178 -9.71 -16.42 24.10
N GLY A 179 -8.71 -16.89 23.35
CA GLY A 179 -7.50 -17.42 23.92
C GLY A 179 -6.31 -16.60 23.46
N VAL A 180 -5.16 -17.26 23.35
CA VAL A 180 -3.96 -16.67 22.78
C VAL A 180 -3.27 -17.76 22.01
N ALA A 181 -3.01 -17.55 20.73
CA ALA A 181 -2.35 -18.59 19.95
C ALA A 181 -0.97 -18.86 20.54
N PRO A 182 -0.57 -20.13 20.68
CA PRO A 182 0.73 -20.40 21.30
C PRO A 182 1.91 -19.76 20.60
N TRP A 183 1.92 -19.68 19.25
CA TRP A 183 3.01 -18.96 18.60
C TRP A 183 3.11 -17.52 19.08
N ALA A 184 1.98 -16.91 19.45
CA ALA A 184 2.01 -15.51 19.85
C ALA A 184 2.53 -15.36 21.28
N ILE A 185 2.14 -16.30 22.15
CA ILE A 185 2.75 -16.38 23.47
C ILE A 185 4.26 -16.49 23.35
N GLU A 186 4.71 -17.40 22.47
CA GLU A 186 6.15 -17.64 22.35
C GLU A 186 6.90 -16.37 21.96
N PHE A 187 6.41 -15.68 20.92
CA PHE A 187 7.06 -14.44 20.51
C PHE A 187 6.99 -13.39 21.60
N ASP A 188 5.79 -13.20 22.18
CA ASP A 188 5.63 -12.17 23.19
C ASP A 188 6.54 -12.44 24.38
N ASN A 189 6.66 -13.71 24.77
CA ASN A 189 7.50 -14.05 25.92
C ASN A 189 8.97 -13.87 25.60
N TRP A 190 9.38 -14.27 24.39
CA TRP A 190 10.76 -14.04 23.99
C TRP A 190 11.11 -12.57 24.08
N LEU A 191 10.23 -11.71 23.56
CA LEU A 191 10.52 -10.29 23.53
C LEU A 191 10.60 -9.74 24.95
N GLU A 192 9.62 -10.11 25.79
CA GLU A 192 9.65 -9.70 27.18
C GLU A 192 10.93 -10.12 27.86
N ASP A 193 11.33 -11.39 27.67
CA ASP A 193 12.53 -11.88 28.34
C ASP A 193 13.78 -11.16 27.84
N ALA A 194 13.87 -10.91 26.54
CA ALA A 194 15.03 -10.22 26.00
C ALA A 194 15.13 -8.82 26.58
N LEU A 195 14.01 -8.10 26.63
CA LEU A 195 14.02 -6.72 27.13
C LEU A 195 14.31 -6.68 28.63
N LEU A 196 13.59 -7.49 29.42
CA LEU A 196 13.83 -7.48 30.85
C LEU A 196 15.23 -7.98 31.19
N SER A 197 15.81 -8.81 30.34
CA SER A 197 17.18 -9.26 30.53
C SER A 197 18.20 -8.20 30.15
N GLY A 198 17.81 -7.17 29.43
CA GLY A 198 18.78 -6.25 28.89
C GLY A 198 19.48 -6.74 27.64
N ARG A 199 18.96 -7.77 26.98
CA ARG A 199 19.58 -8.32 25.77
C ARG A 199 19.09 -7.53 24.55
N TYR A 200 19.47 -6.25 24.51
CA TYR A 200 18.89 -5.35 23.53
C TYR A 200 19.45 -5.62 22.13
N GLU A 201 20.67 -6.12 22.06
CA GLU A 201 21.20 -6.54 20.77
C GLU A 201 20.35 -7.66 20.19
N ASP A 202 19.97 -8.63 21.03
CA ASP A 202 19.04 -9.67 20.58
C ASP A 202 17.75 -9.06 20.04
N VAL A 203 17.23 -8.04 20.71
CA VAL A 203 16.00 -7.41 20.22
C VAL A 203 16.23 -6.84 18.83
N ASN A 204 17.36 -6.19 18.63
CA ASN A 204 17.67 -5.67 17.30
C ASN A 204 17.78 -6.80 16.29
N ASN A 205 18.25 -7.97 16.71
CA ASN A 205 18.45 -9.11 15.80
C ASN A 205 17.34 -10.14 15.95
N PHE A 206 16.12 -9.67 16.21
CA PHE A 206 15.01 -10.59 16.43
C PHE A 206 14.80 -11.54 15.26
N LYS A 207 15.10 -11.10 14.04
CA LYS A 207 14.88 -11.97 12.89
C LYS A 207 15.71 -13.24 12.96
N LYS A 208 16.86 -13.18 13.62
CA LYS A 208 17.72 -14.35 13.76
C LYS A 208 17.42 -15.17 15.00
N LEU A 209 16.61 -14.67 15.92
CA LEU A 209 16.56 -15.23 17.26
C LEU A 209 15.15 -15.49 17.76
N ALA A 210 14.19 -14.65 17.36
CA ALA A 210 12.89 -14.72 18.01
C ALA A 210 12.04 -15.82 17.36
N PRO A 211 11.30 -16.59 18.17
CA PRO A 211 10.41 -17.60 17.57
C PRO A 211 9.20 -16.93 16.98
N ASN A 212 8.85 -17.32 15.76
CA ASN A 212 7.58 -16.96 15.13
C ASN A 212 7.48 -15.49 14.80
N TRP A 213 8.60 -14.81 14.62
CA TRP A 213 8.51 -13.41 14.21
C TRP A 213 7.87 -13.29 12.83
N GLU A 214 8.04 -14.33 11.98
CA GLU A 214 7.41 -14.32 10.66
C GLU A 214 5.89 -14.28 10.77
N ILE A 215 5.31 -14.91 11.79
CA ILE A 215 3.88 -14.86 11.99
C ILE A 215 3.50 -13.55 12.67
N SER A 216 4.27 -13.14 13.67
CA SER A 216 3.93 -11.98 14.50
C SER A 216 4.08 -10.67 13.76
N HIS A 217 5.04 -10.59 12.83
CA HIS A 217 5.38 -9.33 12.18
C HIS A 217 5.82 -9.62 10.75
N PRO A 218 4.89 -10.05 9.89
CA PRO A 218 5.27 -10.31 8.50
C PRO A 218 5.81 -9.09 7.80
N GLY A 219 5.45 -7.88 8.25
CA GLY A 219 5.94 -6.64 7.67
C GLY A 219 6.90 -5.88 8.57
N GLN A 220 6.79 -6.04 9.88
CA GLN A 220 7.66 -5.49 10.92
C GLN A 220 7.34 -4.04 11.25
N GLU A 221 6.54 -3.33 10.44
CA GLU A 221 6.36 -1.90 10.68
C GLU A 221 5.68 -1.63 12.02
N HIS A 222 4.92 -2.59 12.56
CA HIS A 222 4.31 -2.41 13.87
C HIS A 222 5.25 -2.79 15.00
N LEU A 223 6.39 -3.39 14.70
CA LEU A 223 7.38 -3.69 15.74
C LEU A 223 8.46 -2.63 15.82
N TYR A 224 8.86 -2.07 14.68
CA TYR A 224 10.00 -1.15 14.66
C TYR A 224 9.87 0.09 15.53
N PRO A 225 8.68 0.63 15.83
CA PRO A 225 8.64 1.74 16.80
C PRO A 225 9.23 1.36 18.15
N LEU A 226 9.21 0.09 18.52
CA LEU A 226 9.86 -0.33 19.75
C LEU A 226 11.35 -0.04 19.69
N HIS A 227 12.01 -0.44 18.60
CA HIS A 227 13.45 -0.25 18.50
C HIS A 227 13.81 1.22 18.62
N VAL A 228 13.00 2.12 18.03
CA VAL A 228 13.32 3.54 18.10
C VAL A 228 13.16 4.03 19.53
N ALA A 229 12.04 3.70 20.17
CA ALA A 229 11.84 4.13 21.54
C ALA A 229 12.92 3.56 22.44
N LEU A 230 13.28 2.29 22.23
CA LEU A 230 14.34 1.67 23.02
C LEU A 230 15.67 2.40 22.83
N GLY A 231 16.02 2.69 21.59
CA GLY A 231 17.25 3.42 21.34
C GLY A 231 17.24 4.80 21.97
N ALA A 232 16.08 5.45 21.99
CA ALA A 232 16.00 6.80 22.52
C ALA A 232 16.23 6.86 24.03
N ALA A 233 16.24 5.74 24.72
CA ALA A 233 16.46 5.71 26.15
C ALA A 233 17.93 5.67 26.52
N GLY A 234 18.82 5.79 25.53
CA GLY A 234 20.24 5.83 25.79
C GLY A 234 20.82 4.47 26.15
N LYS A 235 22.08 4.49 26.53
CA LYS A 235 22.81 3.27 26.81
C LYS A 235 22.27 2.59 28.06
N ASN A 236 22.16 1.26 28.00
CA ASN A 236 21.79 0.44 29.14
C ASN A 236 20.54 0.92 29.88
N PRO A 237 19.42 1.10 29.17
CA PRO A 237 18.17 1.39 29.87
C PRO A 237 17.64 0.15 30.57
N LYS A 238 16.78 0.38 31.55
CA LYS A 238 16.06 -0.68 32.24
C LYS A 238 14.63 -0.71 31.69
N THR A 239 14.19 -1.91 31.30
CA THR A 239 12.87 -2.06 30.70
C THR A 239 11.88 -2.63 31.72
N GLN A 240 10.63 -2.18 31.65
CA GLN A 240 9.59 -2.84 32.44
C GLN A 240 8.33 -2.93 31.62
N LEU A 241 7.59 -4.01 31.86
CA LEU A 241 6.28 -4.23 31.25
C LEU A 241 5.24 -3.48 32.07
N ILE A 242 4.50 -2.58 31.44
CA ILE A 242 3.54 -1.75 32.17
C ILE A 242 2.10 -2.00 31.77
N HIS A 243 1.85 -2.79 30.72
CA HIS A 243 0.51 -3.24 30.38
C HIS A 243 0.62 -4.47 29.49
N ARG A 244 -0.30 -5.41 29.69
CA ARG A 244 -0.39 -6.55 28.79
C ARG A 244 -1.85 -6.93 28.61
N SER A 245 -2.26 -7.09 27.36
CA SER A 245 -3.57 -7.65 27.07
C SER A 245 -3.55 -8.18 25.65
N TRP A 246 -4.62 -8.86 25.28
CA TRP A 246 -4.74 -9.50 24.00
C TRP A 246 -6.09 -9.16 23.40
N ALA A 247 -6.14 -9.07 22.07
CA ALA A 247 -7.42 -8.92 21.42
C ALA A 247 -8.23 -10.21 21.57
N ALA A 248 -9.55 -10.08 21.46
CA ALA A 248 -10.42 -11.26 21.55
C ALA A 248 -10.15 -12.26 20.44
N ASN A 249 -9.48 -11.86 19.35
CA ASN A 249 -9.18 -12.83 18.30
C ASN A 249 -8.00 -13.70 18.65
N GLY A 250 -7.32 -13.40 19.76
CA GLY A 250 -6.29 -14.26 20.26
C GLY A 250 -4.96 -14.21 19.54
N VAL A 251 -4.79 -13.33 18.55
CA VAL A 251 -3.55 -13.27 17.80
C VAL A 251 -2.97 -11.87 17.68
N PHE A 252 -3.63 -10.85 18.21
CA PHE A 252 -3.05 -9.51 18.33
C PHE A 252 -2.80 -9.22 19.80
N GLY A 253 -1.58 -8.80 20.13
CA GLY A 253 -1.18 -8.61 21.50
C GLY A 253 -0.65 -7.21 21.73
N TYR A 254 -0.79 -6.74 22.96
CA TYR A 254 -0.55 -5.34 23.25
C TYR A 254 0.44 -5.15 24.40
N SER A 255 1.43 -6.02 24.50
CA SER A 255 2.44 -5.83 25.53
C SER A 255 3.07 -4.45 25.38
N THR A 256 3.15 -3.69 26.48
CA THR A 256 3.52 -2.27 26.49
C THR A 256 4.71 -2.06 27.41
N TYR A 257 5.71 -1.31 26.94
CA TYR A 257 6.97 -1.23 27.66
C TYR A 257 7.37 0.20 27.98
N ASN A 258 7.99 0.36 29.15
CA ASN A 258 8.69 1.57 29.54
C ASN A 258 10.19 1.29 29.55
N PHE A 259 10.96 2.19 28.95
CA PHE A 259 12.42 2.11 28.94
C PHE A 259 12.94 3.26 29.77
N THR A 260 13.48 2.94 30.95
CA THR A 260 13.98 3.94 31.88
C THR A 260 15.47 4.10 31.70
N PRO A 261 15.96 5.29 31.37
CA PRO A 261 17.41 5.48 31.23
C PRO A 261 18.13 5.28 32.55
N THR A 262 19.36 4.82 32.45
CA THR A 262 20.29 4.79 33.57
C THR A 262 21.51 5.65 33.31
N THR A 263 21.59 6.25 32.12
CA THR A 263 22.70 7.08 31.69
C THR A 263 22.14 8.36 31.09
N GLN A 264 23.01 9.35 30.90
CA GLN A 264 22.60 10.63 30.32
C GLN A 264 23.56 11.03 29.22
N LYS A 265 23.24 12.16 28.59
CA LYS A 265 24.08 12.82 27.61
C LYS A 265 24.79 14.01 28.22
N THR A 266 25.73 14.56 27.46
CA THR A 266 26.59 15.64 27.92
C THR A 266 25.78 16.89 28.23
N ASP A 267 26.28 17.70 29.17
CA ASP A 267 25.76 19.06 29.36
C ASP A 267 26.02 19.91 28.13
N MET B 1 -27.02 25.19 -15.65
CA MET B 1 -26.01 24.94 -16.68
C MET B 1 -25.64 23.47 -16.71
N LYS B 2 -25.12 23.02 -17.85
CA LYS B 2 -24.50 21.71 -17.95
C LYS B 2 -23.05 21.89 -18.35
N GLY B 3 -22.28 20.81 -18.15
CA GLY B 3 -20.91 20.78 -18.56
C GLY B 3 -19.96 20.69 -17.38
N THR B 4 -18.79 21.28 -17.54
CA THR B 4 -17.77 21.31 -16.52
C THR B 4 -17.48 22.75 -16.14
N TYR B 5 -16.66 22.93 -15.10
CA TYR B 5 -16.42 24.23 -14.52
C TYR B 5 -14.97 24.39 -14.11
N TYR B 6 -14.50 25.63 -14.18
CA TYR B 6 -13.25 26.04 -13.58
C TYR B 6 -13.60 27.13 -12.57
N ILE B 7 -13.41 26.84 -11.28
CA ILE B 7 -13.73 27.76 -10.21
C ILE B 7 -12.44 28.15 -9.51
N ASN B 8 -12.56 29.10 -8.60
CA ASN B 8 -11.47 29.52 -7.75
C ASN B 8 -11.85 29.19 -6.32
N HIS B 9 -10.94 28.54 -5.60
CA HIS B 9 -11.22 28.28 -4.20
C HIS B 9 -11.07 29.53 -3.36
N GLY B 10 -10.25 30.49 -3.82
CA GLY B 10 -10.17 31.79 -3.16
C GLY B 10 -9.41 31.78 -1.84
N ASP B 11 -9.49 32.92 -1.18
CA ASP B 11 -8.74 33.21 0.03
C ASP B 11 -9.46 32.60 1.22
N PRO B 12 -8.83 31.70 1.99
CA PRO B 12 -9.53 31.12 3.14
C PRO B 12 -10.05 32.15 4.13
N LEU B 13 -9.46 33.35 4.17
CA LEU B 13 -9.95 34.40 5.04
C LEU B 13 -11.39 34.77 4.75
N MET B 14 -11.87 34.51 3.53
CA MET B 14 -13.25 34.85 3.23
C MET B 14 -14.22 34.08 4.11
N TYR B 15 -13.78 33.02 4.78
CA TYR B 15 -14.62 32.34 5.75
C TYR B 15 -15.03 33.28 6.88
N LEU B 16 -14.18 34.24 7.21
CA LEU B 16 -14.42 35.16 8.31
C LEU B 16 -14.97 36.51 7.86
N LYS B 17 -15.20 36.69 6.57
CA LYS B 17 -15.56 37.99 6.01
C LYS B 17 -16.98 37.96 5.47
N LYS B 18 -17.57 39.15 5.37
CA LYS B 18 -18.95 39.28 4.95
C LYS B 18 -19.14 39.83 3.54
N HIS B 19 -18.12 40.41 2.93
CA HIS B 19 -18.35 41.19 1.72
C HIS B 19 -17.52 40.69 0.54
N ILE B 20 -17.19 39.40 0.51
CA ILE B 20 -16.38 38.83 -0.56
C ILE B 20 -17.30 38.20 -1.61
N LYS B 21 -17.29 38.76 -2.81
CA LYS B 21 -18.24 38.34 -3.84
C LYS B 21 -17.99 36.91 -4.28
N LEU B 22 -16.73 36.45 -4.29
CA LEU B 22 -16.47 35.06 -4.62
C LEU B 22 -17.22 34.13 -3.66
N ARG B 23 -17.25 34.47 -2.38
CA ARG B 23 -17.96 33.63 -1.43
C ARG B 23 -19.46 33.63 -1.70
N GLN B 24 -20.03 34.79 -2.05
CA GLN B 24 -21.46 34.81 -2.35
C GLN B 24 -21.76 34.01 -3.61
N PHE B 25 -20.89 34.06 -4.61
CA PHE B 25 -21.10 33.23 -5.79
C PHE B 25 -21.10 31.75 -5.43
N LEU B 26 -20.11 31.31 -4.67
CA LEU B 26 -20.04 29.89 -4.33
C LEU B 26 -21.24 29.47 -3.48
N GLU B 27 -21.70 30.34 -2.59
CA GLU B 27 -22.85 29.99 -1.77
C GLU B 27 -24.09 29.80 -2.62
N GLY B 28 -24.22 30.59 -3.68
CA GLY B 28 -25.36 30.51 -4.56
C GLY B 28 -25.27 29.42 -5.60
N TRP B 29 -24.28 28.52 -5.49
CA TRP B 29 -24.03 27.53 -6.53
C TRP B 29 -25.26 26.69 -6.86
N GLN B 30 -25.95 26.17 -5.84
CA GLN B 30 -27.06 25.29 -6.13
C GLN B 30 -28.28 26.05 -6.63
N GLU B 31 -28.36 27.36 -6.42
CA GLU B 31 -29.50 28.11 -6.92
C GLU B 31 -29.24 28.72 -8.29
N ASN B 32 -27.99 29.06 -8.62
CA ASN B 32 -27.69 29.79 -9.83
C ASN B 32 -26.83 29.04 -10.84
N VAL B 33 -26.15 27.96 -10.46
CA VAL B 33 -25.20 27.36 -11.38
C VAL B 33 -25.61 25.92 -11.71
N VAL B 34 -25.64 25.05 -10.71
CA VAL B 34 -26.04 23.66 -10.92
C VAL B 34 -27.22 23.36 -10.00
N ILE B 35 -28.41 23.21 -10.59
CA ILE B 35 -29.61 22.92 -9.81
C ILE B 35 -29.67 21.44 -9.45
N GLU B 36 -29.40 20.58 -10.41
CA GLU B 36 -29.53 19.15 -10.19
C GLU B 36 -28.42 18.65 -9.28
N LYS B 37 -28.79 17.80 -8.33
CA LYS B 37 -27.86 17.15 -7.42
C LYS B 37 -26.94 16.20 -8.19
N PRO B 38 -25.63 16.43 -8.23
CA PRO B 38 -24.75 15.47 -8.90
C PRO B 38 -24.67 14.17 -8.13
N LYS B 39 -24.37 13.08 -8.86
CA LYS B 39 -24.12 11.80 -8.20
C LYS B 39 -22.75 11.80 -7.53
N SER B 40 -21.78 12.51 -8.09
CA SER B 40 -20.49 12.66 -7.45
C SER B 40 -19.81 13.87 -8.08
N ILE B 41 -18.71 14.28 -7.45
CA ILE B 41 -17.95 15.45 -7.89
C ILE B 41 -16.49 15.04 -8.04
N LEU B 42 -15.91 15.37 -9.19
CA LEU B 42 -14.47 15.23 -9.41
C LEU B 42 -13.84 16.63 -9.36
N ILE B 43 -13.04 16.90 -8.33
CA ILE B 43 -12.36 18.18 -8.19
C ILE B 43 -10.91 17.99 -8.64
N ILE B 44 -10.47 18.82 -9.58
CA ILE B 44 -9.08 18.84 -9.99
C ILE B 44 -8.41 19.94 -9.18
N SER B 45 -7.44 19.58 -8.34
CA SER B 45 -6.96 20.48 -7.30
C SER B 45 -5.63 21.10 -7.69
N ALA B 46 -5.57 22.42 -7.67
CA ALA B 46 -4.29 23.10 -7.84
C ALA B 46 -3.34 22.79 -6.71
N HIS B 47 -3.84 22.30 -5.58
CA HIS B 47 -3.00 22.10 -4.41
C HIS B 47 -2.59 20.64 -4.22
N TRP B 48 -2.87 19.78 -5.20
CA TRP B 48 -2.34 18.42 -5.18
C TRP B 48 -1.46 18.29 -6.41
N ASP B 49 -0.15 18.36 -6.18
CA ASP B 49 0.84 18.45 -7.24
C ASP B 49 1.64 17.16 -7.31
N THR B 50 1.52 16.44 -8.42
CA THR B 50 2.18 15.14 -8.58
C THR B 50 2.87 15.06 -9.92
N ASN B 51 3.57 13.95 -10.14
CA ASN B 51 4.28 13.74 -11.40
C ASN B 51 3.36 13.17 -12.46
N VAL B 52 2.51 12.22 -12.08
CA VAL B 52 1.52 11.65 -12.98
C VAL B 52 0.15 11.84 -12.34
N PRO B 53 -0.92 11.82 -13.14
CA PRO B 53 -2.27 11.99 -12.58
C PRO B 53 -2.52 11.02 -11.44
N THR B 54 -3.14 11.53 -10.37
CA THR B 54 -3.38 10.74 -9.17
C THR B 54 -4.75 11.07 -8.62
N VAL B 55 -5.49 10.04 -8.21
CA VAL B 55 -6.83 10.23 -7.65
C VAL B 55 -6.92 9.69 -6.22
N ASN B 56 -7.85 10.30 -5.53
CA ASN B 56 -8.29 10.06 -4.17
C ASN B 56 -9.19 8.82 -4.12
N PHE B 57 -8.80 7.76 -3.40
CA PHE B 57 -9.64 6.54 -3.31
C PHE B 57 -9.93 6.23 -1.84
N VAL B 58 -11.00 6.82 -1.31
CA VAL B 58 -11.29 6.76 0.11
C VAL B 58 -12.79 6.72 0.30
N GLU B 59 -13.21 6.16 1.44
CA GLU B 59 -14.62 6.12 1.78
C GLU B 59 -15.06 7.40 2.50
N HIS B 60 -14.18 7.98 3.30
CA HIS B 60 -14.45 9.20 4.03
C HIS B 60 -13.32 10.19 3.77
N CYS B 61 -13.68 11.42 3.43
CA CYS B 61 -12.68 12.45 3.15
C CYS B 61 -12.20 13.11 4.43
N ASP B 62 -10.92 12.93 4.75
CA ASP B 62 -10.32 13.83 5.73
C ASP B 62 -10.42 15.26 5.21
N THR B 63 -10.37 16.21 6.13
CA THR B 63 -10.23 17.62 5.78
C THR B 63 -8.79 18.01 6.06
N ILE B 64 -8.03 18.26 5.00
CA ILE B 64 -6.63 18.64 5.11
C ILE B 64 -6.56 20.16 5.15
N HIS B 65 -6.02 20.72 6.24
CA HIS B 65 -5.91 22.18 6.35
C HIS B 65 -4.51 22.62 5.90
N ASP B 66 -4.29 22.50 4.59
CA ASP B 66 -2.96 22.70 4.03
C ASP B 66 -2.77 24.17 3.67
N PHE B 67 -2.73 25.01 4.71
CA PHE B 67 -2.44 26.41 4.51
C PHE B 67 -1.81 26.98 5.77
N ASP B 68 -1.08 28.07 5.61
CA ASP B 68 -0.16 28.58 6.64
C ASP B 68 -0.63 29.90 7.24
N ASP B 69 -0.53 29.99 8.57
CA ASP B 69 -0.68 31.26 9.30
C ASP B 69 -2.06 31.89 9.14
N TYR B 70 -3.08 31.08 9.08
CA TYR B 70 -4.43 31.61 9.12
C TYR B 70 -4.94 31.64 10.54
N PRO B 71 -6.00 32.39 10.82
CA PRO B 71 -6.56 32.37 12.18
C PRO B 71 -7.05 30.98 12.55
N ASP B 72 -7.05 30.69 13.85
CA ASP B 72 -7.40 29.37 14.38
C ASP B 72 -8.68 28.78 13.79
N PRO B 73 -9.82 29.50 13.70
CA PRO B 73 -11.05 28.85 13.21
C PRO B 73 -10.87 28.14 11.88
N LEU B 74 -10.03 28.65 11.00
CA LEU B 74 -9.84 27.98 9.71
C LEU B 74 -9.34 26.56 9.89
N TYR B 75 -8.60 26.30 10.97
CA TYR B 75 -8.13 24.94 11.17
C TYR B 75 -9.14 24.04 11.87
N GLN B 76 -10.23 24.60 12.40
CA GLN B 76 -11.28 23.80 13.02
C GLN B 76 -12.35 23.33 12.04
N ILE B 77 -12.39 23.89 10.82
CA ILE B 77 -13.43 23.50 9.87
C ILE B 77 -13.26 22.04 9.50
N GLN B 78 -14.37 21.29 9.50
CA GLN B 78 -14.39 19.94 8.97
C GLN B 78 -15.47 19.84 7.89
N TYR B 79 -15.08 19.31 6.73
CA TYR B 79 -16.00 19.07 5.63
C TYR B 79 -16.13 17.56 5.49
N ARG B 80 -17.19 17.01 6.08
CA ARG B 80 -17.27 15.57 6.34
C ARG B 80 -17.96 14.86 5.17
N ALA B 81 -17.39 14.99 4.01
CA ALA B 81 -17.97 14.46 2.78
C ALA B 81 -17.59 12.99 2.61
N PRO B 82 -18.45 12.19 1.97
CA PRO B 82 -18.03 10.83 1.61
C PRO B 82 -17.04 10.89 0.46
N GLY B 83 -16.16 9.90 0.39
CA GLY B 83 -15.31 9.76 -0.76
C GLY B 83 -16.09 9.23 -1.94
N ALA B 84 -15.41 9.13 -3.07
CA ALA B 84 -16.01 8.61 -4.30
C ALA B 84 -15.10 7.56 -4.89
N PRO B 85 -14.95 6.41 -4.21
CA PRO B 85 -14.01 5.39 -4.69
C PRO B 85 -14.36 4.83 -6.07
N ASN B 86 -15.64 4.64 -6.38
CA ASN B 86 -15.98 4.16 -7.71
C ASN B 86 -15.60 5.19 -8.77
N LEU B 87 -15.93 6.46 -8.51
CA LEU B 87 -15.47 7.51 -9.40
C LEU B 87 -13.97 7.43 -9.61
N ALA B 88 -13.22 7.29 -8.52
CA ALA B 88 -11.77 7.26 -8.64
C ALA B 88 -11.30 6.15 -9.57
N LYS B 89 -11.85 4.94 -9.41
CA LYS B 89 -11.36 3.84 -10.22
C LYS B 89 -11.83 3.98 -11.67
N LYS B 90 -12.97 4.64 -11.91
CA LYS B 90 -13.35 4.95 -13.28
C LYS B 90 -12.40 5.98 -13.88
N VAL B 91 -11.91 6.92 -13.08
CA VAL B 91 -10.97 7.89 -13.63
C VAL B 91 -9.69 7.18 -14.02
N GLU B 92 -9.23 6.26 -13.17
CA GLU B 92 -8.00 5.55 -13.47
C GLU B 92 -8.17 4.67 -14.71
N GLU B 93 -9.32 4.02 -14.84
CA GLU B 93 -9.54 3.18 -16.01
C GLU B 93 -9.57 4.04 -17.28
N LEU B 94 -10.37 5.11 -17.27
CA LEU B 94 -10.47 5.98 -18.43
C LEU B 94 -9.12 6.55 -18.84
N LEU B 95 -8.30 6.96 -17.87
CA LEU B 95 -7.00 7.49 -18.22
C LEU B 95 -6.11 6.42 -18.83
N LYS B 96 -6.12 5.21 -18.25
CA LYS B 96 -5.28 4.13 -18.77
C LYS B 96 -5.77 3.67 -20.14
N GLU B 97 -7.09 3.62 -20.35
CA GLU B 97 -7.61 3.28 -21.67
C GLU B 97 -7.15 4.28 -22.74
N SER B 98 -6.90 5.53 -22.36
CA SER B 98 -6.38 6.52 -23.30
C SER B 98 -4.87 6.59 -23.29
N GLY B 99 -4.21 5.63 -22.66
CA GLY B 99 -2.76 5.56 -22.69
C GLY B 99 -2.06 6.51 -21.74
N MET B 100 -2.72 6.95 -20.68
CA MET B 100 -2.09 7.83 -19.70
C MET B 100 -1.97 7.13 -18.36
N GLU B 101 -0.84 7.33 -17.70
CA GLU B 101 -0.66 6.81 -16.35
C GLU B 101 -1.65 7.45 -15.39
N CYS B 102 -2.03 6.70 -14.37
CA CYS B 102 -2.87 7.27 -13.33
C CYS B 102 -2.68 6.46 -12.08
N GLU B 103 -2.33 7.11 -10.99
CA GLU B 103 -2.09 6.40 -9.73
C GLU B 103 -3.23 6.66 -8.77
N ILE B 104 -3.26 5.85 -7.71
CA ILE B 104 -4.35 5.86 -6.75
C ILE B 104 -3.76 6.02 -5.35
N ASP B 105 -4.26 6.98 -4.61
CA ASP B 105 -3.87 7.23 -3.22
C ASP B 105 -5.05 6.81 -2.37
N THR B 106 -4.83 5.84 -1.48
CA THR B 106 -5.93 5.24 -0.72
C THR B 106 -6.07 5.84 0.66
N LYS B 107 -5.38 6.94 0.95
CA LYS B 107 -5.43 7.58 2.25
C LYS B 107 -5.79 9.06 2.19
N ARG B 108 -5.33 9.78 1.17
CA ARG B 108 -5.41 11.24 1.16
C ARG B 108 -6.86 11.72 1.14
N GLY B 109 -7.18 12.68 2.00
CA GLY B 109 -8.47 13.35 1.97
C GLY B 109 -8.49 14.50 0.97
N LEU B 110 -9.35 15.48 1.26
CA LEU B 110 -9.46 16.66 0.41
C LEU B 110 -8.60 17.80 0.95
N ASP B 111 -7.80 18.40 0.08
CA ASP B 111 -7.11 19.63 0.44
C ASP B 111 -8.07 20.80 0.27
N HIS B 112 -7.65 22.00 0.67
CA HIS B 112 -8.58 23.11 0.76
C HIS B 112 -9.04 23.61 -0.61
N ALA B 113 -8.28 23.33 -1.67
CA ALA B 113 -8.79 23.68 -3.00
C ALA B 113 -10.08 22.95 -3.30
N ALA B 114 -10.34 21.84 -2.61
CA ALA B 114 -11.57 21.09 -2.79
C ALA B 114 -12.60 21.44 -1.72
N TRP B 115 -12.28 21.19 -0.44
CA TRP B 115 -13.31 21.33 0.57
C TRP B 115 -13.68 22.78 0.85
N PHE B 116 -12.79 23.75 0.60
CA PHE B 116 -13.13 25.11 0.95
C PHE B 116 -14.24 25.66 0.08
N PRO B 117 -14.19 25.61 -1.25
CA PRO B 117 -15.37 26.03 -2.02
C PRO B 117 -16.55 25.07 -1.88
N LEU B 118 -16.29 23.77 -1.75
CA LEU B 118 -17.38 22.81 -1.64
C LEU B 118 -18.22 23.03 -0.39
N MET B 119 -17.61 23.53 0.69
CA MET B 119 -18.42 23.74 1.88
C MET B 119 -19.42 24.87 1.71
N PHE B 120 -19.16 25.82 0.79
CA PHE B 120 -20.15 26.82 0.42
C PHE B 120 -21.09 26.31 -0.66
N MET B 121 -20.56 25.61 -1.66
CA MET B 121 -21.40 25.11 -2.75
C MET B 121 -22.34 24.02 -2.25
N TYR B 122 -21.81 23.04 -1.52
CA TYR B 122 -22.58 21.90 -1.02
C TYR B 122 -22.35 21.76 0.49
N PRO B 123 -22.90 22.69 1.27
CA PRO B 123 -22.61 22.69 2.71
C PRO B 123 -23.05 21.42 3.42
N GLU B 124 -24.01 20.68 2.89
CA GLU B 124 -24.46 19.46 3.55
C GLU B 124 -23.43 18.34 3.49
N ALA B 125 -22.39 18.46 2.66
CA ALA B 125 -21.30 17.48 2.63
C ALA B 125 -21.83 16.07 2.39
N ASN B 126 -22.81 15.95 1.50
CA ASN B 126 -23.42 14.66 1.22
C ASN B 126 -23.18 14.19 -0.21
N ILE B 127 -22.31 14.86 -0.96
CA ILE B 127 -21.96 14.46 -2.32
C ILE B 127 -20.62 13.74 -2.27
N PRO B 128 -20.53 12.50 -2.76
CA PRO B 128 -19.22 11.84 -2.86
C PRO B 128 -18.22 12.71 -3.61
N ILE B 129 -17.03 12.88 -3.06
CA ILE B 129 -16.00 13.71 -3.65
C ILE B 129 -14.80 12.85 -3.98
N CYS B 130 -14.25 13.04 -5.18
CA CYS B 130 -12.95 12.52 -5.55
C CYS B 130 -12.09 13.67 -6.05
N GLU B 131 -10.86 13.74 -5.58
CA GLU B 131 -9.91 14.75 -6.00
C GLU B 131 -8.92 14.16 -6.99
N LEU B 132 -8.57 14.94 -8.01
CA LEU B 132 -7.58 14.56 -9.02
C LEU B 132 -6.45 15.58 -8.99
N SER B 133 -5.22 15.10 -9.00
CA SER B 133 -4.08 16.00 -8.90
C SER B 133 -3.76 16.64 -10.24
N VAL B 134 -2.91 17.63 -10.16
CA VAL B 134 -2.40 18.36 -11.30
C VAL B 134 -0.90 18.06 -11.42
N GLN B 135 -0.33 18.20 -12.62
CA GLN B 135 1.08 17.83 -12.87
C GLN B 135 1.84 19.06 -13.35
N PRO B 136 2.26 19.93 -12.42
CA PRO B 136 2.75 21.25 -12.85
C PRO B 136 4.01 21.22 -13.68
N SER B 137 4.74 20.09 -13.72
CA SER B 137 5.89 20.01 -14.63
C SER B 137 5.50 19.56 -16.03
N LYS B 138 4.26 19.16 -16.26
CA LYS B 138 3.75 18.88 -17.59
C LYS B 138 2.99 20.10 -18.13
N ASP B 139 2.60 20.04 -19.40
CA ASP B 139 2.14 21.25 -20.07
C ASP B 139 0.62 21.30 -20.14
N GLY B 140 0.11 22.36 -20.75
CA GLY B 140 -1.34 22.53 -20.83
C GLY B 140 -2.00 21.42 -21.63
N ILE B 141 -1.34 20.98 -22.68
CA ILE B 141 -1.87 19.94 -23.55
C ILE B 141 -2.03 18.63 -22.79
N HIS B 142 -1.09 18.33 -21.88
CA HIS B 142 -1.22 17.12 -21.08
C HIS B 142 -2.46 17.18 -20.20
N HIS B 143 -2.71 18.33 -19.59
CA HIS B 143 -3.88 18.45 -18.73
C HIS B 143 -5.16 18.44 -19.55
N TYR B 144 -5.12 19.04 -20.74
CA TYR B 144 -6.27 18.97 -21.63
C TYR B 144 -6.59 17.52 -21.97
N ASN B 145 -5.55 16.74 -22.30
CA ASN B 145 -5.76 15.33 -22.62
C ASN B 145 -6.28 14.53 -21.43
N VAL B 146 -5.79 14.83 -20.22
CA VAL B 146 -6.37 14.18 -19.04
C VAL B 146 -7.89 14.39 -19.03
N GLY B 147 -8.33 15.63 -19.23
CA GLY B 147 -9.77 15.89 -19.21
C GLY B 147 -10.49 15.23 -20.36
N LYS B 148 -9.91 15.28 -21.56
CA LYS B 148 -10.49 14.61 -22.71
C LYS B 148 -10.81 13.14 -22.39
N ALA B 149 -9.86 12.45 -21.78
CA ALA B 149 -10.08 11.06 -21.38
C ALA B 149 -11.26 10.91 -20.43
N LEU B 150 -11.60 11.96 -19.69
CA LEU B 150 -12.63 11.89 -18.66
C LEU B 150 -13.98 12.39 -19.14
N SER B 151 -14.09 12.86 -20.38
CA SER B 151 -15.37 13.40 -20.84
C SER B 151 -16.54 12.42 -20.78
N PRO B 152 -16.38 11.09 -20.89
CA PRO B 152 -17.56 10.22 -20.73
C PRO B 152 -18.19 10.32 -19.35
N LEU B 153 -17.48 10.81 -18.34
CA LEU B 153 -18.08 10.89 -17.02
C LEU B 153 -19.25 11.86 -16.97
N LEU B 154 -19.37 12.78 -17.93
CA LEU B 154 -20.50 13.71 -17.92
C LEU B 154 -21.83 12.99 -18.07
N GLN B 155 -21.88 11.95 -18.91
CA GLN B 155 -23.11 11.19 -19.07
C GLN B 155 -23.47 10.38 -17.83
N GLN B 156 -22.57 10.27 -16.85
CA GLN B 156 -22.81 9.41 -15.70
C GLN B 156 -23.11 10.21 -14.43
N GLY B 157 -23.51 11.47 -14.58
CA GLY B 157 -23.87 12.26 -13.42
C GLY B 157 -22.72 12.87 -12.63
N VAL B 158 -21.52 12.95 -13.21
CA VAL B 158 -20.36 13.44 -12.48
C VAL B 158 -20.18 14.91 -12.76
N LEU B 159 -20.05 15.70 -11.69
CA LEU B 159 -19.81 17.13 -11.80
C LEU B 159 -18.29 17.35 -11.72
N ILE B 160 -17.70 17.78 -12.82
CA ILE B 160 -16.25 17.90 -12.94
C ILE B 160 -15.86 19.35 -12.76
N ILE B 161 -15.08 19.64 -11.73
CA ILE B 161 -14.75 21.01 -11.36
C ILE B 161 -13.24 21.15 -11.21
N GLY B 162 -12.64 22.02 -12.02
CA GLY B 162 -11.26 22.42 -11.77
C GLY B 162 -11.26 23.55 -10.75
N SER B 163 -10.42 23.41 -9.73
CA SER B 163 -10.33 24.39 -8.64
C SER B 163 -8.95 25.01 -8.63
N GLY B 164 -8.84 26.24 -9.14
CA GLY B 164 -7.57 26.92 -9.17
C GLY B 164 -7.66 28.38 -8.74
N GLY B 165 -6.84 29.22 -9.40
CA GLY B 165 -6.83 30.66 -9.22
C GLY B 165 -6.47 31.27 -10.56
N THR B 166 -7.40 32.02 -11.14
CA THR B 166 -7.27 32.41 -12.54
C THR B 166 -6.08 33.34 -12.77
N VAL B 167 -5.85 34.26 -11.85
CA VAL B 167 -4.64 35.05 -11.82
C VAL B 167 -4.04 34.87 -10.43
N HIS B 168 -2.86 34.27 -10.37
CA HIS B 168 -2.33 33.71 -9.12
C HIS B 168 -0.84 33.99 -9.06
N PRO B 169 -0.47 35.25 -8.88
CA PRO B 169 0.94 35.62 -8.93
C PRO B 169 1.67 35.14 -7.69
N SER B 170 3.00 35.27 -7.76
CA SER B 170 3.84 35.15 -6.58
C SER B 170 3.47 36.16 -5.51
N ASP B 171 3.70 35.78 -4.25
CA ASP B 171 3.56 36.71 -3.13
C ASP B 171 4.46 37.92 -3.26
N ASP B 172 5.57 37.79 -4.00
CA ASP B 172 6.46 38.94 -4.15
C ASP B 172 6.01 39.91 -5.22
N THR B 173 4.96 39.58 -5.97
CA THR B 173 4.51 40.49 -7.00
C THR B 173 3.78 41.63 -6.32
N PRO B 174 4.12 42.88 -6.61
CA PRO B 174 3.53 44.00 -5.88
C PRO B 174 2.06 44.17 -6.23
N HIS B 175 1.34 44.79 -5.30
CA HIS B 175 -0.11 44.95 -5.34
C HIS B 175 -0.51 46.19 -6.15
N CYS B 176 -1.78 46.23 -6.56
CA CYS B 176 -2.45 47.46 -7.01
C CYS B 176 -3.71 47.65 -6.17
N PRO B 177 -3.56 48.14 -4.95
CA PRO B 177 -4.66 48.04 -3.97
C PRO B 177 -5.95 48.63 -4.50
N ASN B 178 -7.01 47.84 -4.44
CA ASN B 178 -8.36 48.26 -4.77
C ASN B 178 -8.55 48.54 -6.25
N GLY B 179 -7.60 48.17 -7.09
CA GLY B 179 -7.76 48.21 -8.52
C GLY B 179 -7.48 46.84 -9.11
N VAL B 180 -6.91 46.84 -10.31
CA VAL B 180 -6.39 45.65 -10.96
C VAL B 180 -5.11 46.05 -11.67
N ALA B 181 -4.01 45.40 -11.35
CA ALA B 181 -2.78 45.66 -12.08
C ALA B 181 -3.00 45.46 -13.58
N PRO B 182 -2.36 46.25 -14.42
CA PRO B 182 -2.65 46.13 -15.86
C PRO B 182 -2.16 44.82 -16.46
N TRP B 183 -1.04 44.27 -15.99
CA TRP B 183 -0.62 42.95 -16.49
C TRP B 183 -1.68 41.91 -16.21
N ALA B 184 -2.41 42.05 -15.11
CA ALA B 184 -3.39 41.05 -14.72
C ALA B 184 -4.66 41.20 -15.56
N ILE B 185 -5.04 42.44 -15.86
CA ILE B 185 -6.15 42.65 -16.78
C ILE B 185 -5.83 42.00 -18.12
N GLU B 186 -4.60 42.18 -18.60
CA GLU B 186 -4.25 41.67 -19.92
C GLU B 186 -4.30 40.15 -19.95
N PHE B 187 -3.76 39.48 -18.93
CA PHE B 187 -3.86 38.03 -18.93
C PHE B 187 -5.31 37.60 -18.80
N ASP B 188 -6.06 38.21 -17.88
CA ASP B 188 -7.43 37.78 -17.64
C ASP B 188 -8.29 37.96 -18.89
N ASN B 189 -8.14 39.10 -19.56
CA ASN B 189 -8.86 39.36 -20.81
C ASN B 189 -8.40 38.42 -21.91
N TRP B 190 -7.10 38.16 -22.01
CA TRP B 190 -6.65 37.22 -23.03
C TRP B 190 -7.33 35.88 -22.85
N LEU B 191 -7.33 35.37 -21.62
CA LEU B 191 -7.89 34.04 -21.38
C LEU B 191 -9.37 34.00 -21.69
N GLU B 192 -10.12 35.00 -21.22
CA GLU B 192 -11.54 35.07 -21.53
C GLU B 192 -11.75 35.09 -23.05
N ASP B 193 -11.01 35.92 -23.77
CA ASP B 193 -11.31 36.04 -25.19
C ASP B 193 -10.85 34.80 -25.95
N ALA B 194 -9.78 34.15 -25.49
CA ALA B 194 -9.37 32.91 -26.14
C ALA B 194 -10.43 31.82 -25.97
N LEU B 195 -10.99 31.69 -24.77
CA LEU B 195 -12.04 30.71 -24.53
C LEU B 195 -13.31 31.06 -25.30
N LEU B 196 -13.73 32.32 -25.22
CA LEU B 196 -14.95 32.71 -25.93
C LEU B 196 -14.82 32.50 -27.42
N SER B 197 -13.63 32.66 -27.98
CA SER B 197 -13.48 32.48 -29.41
C SER B 197 -13.14 31.05 -29.78
N GLY B 198 -13.17 30.13 -28.82
CA GLY B 198 -12.87 28.74 -29.10
C GLY B 198 -11.43 28.44 -29.43
N ARG B 199 -10.49 29.33 -29.15
CA ARG B 199 -9.09 29.07 -29.41
C ARG B 199 -8.48 28.18 -28.32
N TYR B 200 -9.03 26.96 -28.25
CA TYR B 200 -8.69 26.09 -27.14
C TYR B 200 -7.26 25.56 -27.26
N GLU B 201 -6.78 25.39 -28.49
CA GLU B 201 -5.39 25.03 -28.62
C GLU B 201 -4.46 26.15 -28.15
N ASP B 202 -4.85 27.41 -28.35
CA ASP B 202 -4.09 28.52 -27.78
C ASP B 202 -4.08 28.47 -26.26
N VAL B 203 -5.22 28.12 -25.65
CA VAL B 203 -5.23 28.01 -24.19
C VAL B 203 -4.27 26.91 -23.76
N ASN B 204 -4.26 25.81 -24.48
CA ASN B 204 -3.30 24.75 -24.18
C ASN B 204 -1.87 25.24 -24.32
N ASN B 205 -1.62 26.07 -25.33
CA ASN B 205 -0.29 26.59 -25.60
C ASN B 205 -0.11 28.02 -25.08
N PHE B 206 -0.74 28.34 -23.95
CA PHE B 206 -0.73 29.70 -23.43
C PHE B 206 0.68 30.23 -23.21
N LYS B 207 1.63 29.36 -22.88
CA LYS B 207 2.99 29.83 -22.64
C LYS B 207 3.57 30.52 -23.87
N LYS B 208 3.11 30.13 -25.05
CA LYS B 208 3.63 30.74 -26.27
C LYS B 208 2.96 32.05 -26.61
N LEU B 209 1.89 32.43 -25.91
CA LEU B 209 0.95 33.43 -26.44
C LEU B 209 0.46 34.41 -25.39
N ALA B 210 0.14 33.91 -24.22
CA ALA B 210 -0.68 34.67 -23.28
C ALA B 210 0.16 35.78 -22.66
N PRO B 211 -0.30 37.04 -22.68
CA PRO B 211 0.50 38.12 -22.10
C PRO B 211 0.57 37.96 -20.58
N ASN B 212 1.78 38.01 -20.05
CA ASN B 212 2.03 38.05 -18.62
C ASN B 212 1.65 36.76 -17.91
N TRP B 213 1.65 35.63 -18.63
CA TRP B 213 1.42 34.35 -17.93
C TRP B 213 2.52 34.10 -16.92
N GLU B 214 3.72 34.62 -17.19
CA GLU B 214 4.82 34.44 -16.26
C GLU B 214 4.57 35.17 -14.95
N ILE B 215 3.82 36.27 -14.98
CA ILE B 215 3.48 36.96 -13.74
C ILE B 215 2.27 36.32 -13.09
N SER B 216 1.28 35.94 -13.92
CA SER B 216 0.00 35.41 -13.46
C SER B 216 0.10 33.97 -12.96
N HIS B 217 1.08 33.22 -13.45
CA HIS B 217 1.16 31.79 -13.18
C HIS B 217 2.62 31.36 -13.20
N PRO B 218 3.42 31.87 -12.26
CA PRO B 218 4.83 31.48 -12.24
C PRO B 218 5.03 29.99 -12.07
N GLY B 219 4.09 29.28 -11.45
CA GLY B 219 4.22 27.83 -11.32
C GLY B 219 3.21 27.03 -12.13
N GLN B 220 2.13 27.68 -12.56
CA GLN B 220 1.07 27.18 -13.43
C GLN B 220 0.08 26.24 -12.73
N GLU B 221 0.38 25.74 -11.51
CA GLU B 221 -0.50 24.75 -10.90
C GLU B 221 -1.90 25.31 -10.62
N HIS B 222 -2.05 26.63 -10.45
CA HIS B 222 -3.40 27.15 -10.24
C HIS B 222 -4.12 27.39 -11.56
N LEU B 223 -3.44 27.26 -12.71
CA LEU B 223 -4.13 27.35 -13.99
C LEU B 223 -4.52 25.99 -14.56
N TYR B 224 -3.67 24.98 -14.42
CA TYR B 224 -3.92 23.71 -15.09
C TYR B 224 -5.25 23.04 -14.75
N PRO B 225 -5.89 23.26 -13.59
CA PRO B 225 -7.24 22.69 -13.43
C PRO B 225 -8.19 23.14 -14.51
N LEU B 226 -7.98 24.33 -15.08
CA LEU B 226 -8.84 24.78 -16.17
C LEU B 226 -8.68 23.87 -17.38
N HIS B 227 -7.45 23.57 -17.77
CA HIS B 227 -7.23 22.71 -18.92
C HIS B 227 -7.92 21.36 -18.74
N VAL B 228 -7.90 20.80 -17.53
CA VAL B 228 -8.56 19.52 -17.32
C VAL B 228 -10.07 19.66 -17.46
N ALA B 229 -10.64 20.67 -16.81
CA ALA B 229 -12.09 20.84 -16.91
C ALA B 229 -12.50 21.13 -18.34
N LEU B 230 -11.67 21.90 -19.05
CA LEU B 230 -11.98 22.22 -20.44
C LEU B 230 -11.95 20.98 -21.31
N GLY B 231 -10.91 20.15 -21.17
CA GLY B 231 -10.86 18.91 -21.93
C GLY B 231 -12.04 18.00 -21.64
N ALA B 232 -12.47 17.97 -20.38
CA ALA B 232 -13.55 17.05 -20.01
C ALA B 232 -14.89 17.45 -20.61
N ALA B 233 -15.01 18.63 -21.19
CA ALA B 233 -16.26 19.04 -21.82
C ALA B 233 -16.36 18.60 -23.26
N GLY B 234 -15.44 17.78 -23.73
CA GLY B 234 -15.54 17.24 -25.07
C GLY B 234 -15.05 18.25 -26.08
N LYS B 235 -15.17 17.89 -27.35
CA LYS B 235 -14.56 18.69 -28.39
C LYS B 235 -15.41 19.93 -28.66
N ASN B 236 -14.72 21.05 -28.89
CA ASN B 236 -15.33 22.35 -29.21
C ASN B 236 -16.50 22.70 -28.29
N PRO B 237 -16.27 22.75 -26.99
CA PRO B 237 -17.32 23.23 -26.08
C PRO B 237 -17.50 24.73 -26.24
N LYS B 238 -18.59 25.22 -25.68
CA LYS B 238 -18.85 26.64 -25.57
C LYS B 238 -18.49 27.09 -24.16
N THR B 239 -17.83 28.23 -24.04
CA THR B 239 -17.39 28.73 -22.75
C THR B 239 -18.21 29.93 -22.35
N GLN B 240 -18.56 30.02 -21.07
CA GLN B 240 -19.16 31.26 -20.60
C GLN B 240 -18.56 31.63 -19.24
N LEU B 241 -18.40 32.94 -19.06
CA LEU B 241 -17.92 33.53 -17.82
C LEU B 241 -19.09 33.63 -16.86
N ILE B 242 -18.98 33.03 -15.68
CA ILE B 242 -20.11 32.98 -14.77
C ILE B 242 -19.84 33.68 -13.45
N HIS B 243 -18.61 34.11 -13.21
CA HIS B 243 -18.29 34.98 -12.09
C HIS B 243 -16.97 35.68 -12.39
N ARG B 244 -16.86 36.94 -12.00
CA ARG B 244 -15.59 37.65 -12.07
C ARG B 244 -15.48 38.58 -10.87
N SER B 245 -14.37 38.49 -10.15
CA SER B 245 -14.07 39.45 -9.09
C SER B 245 -12.58 39.44 -8.88
N TRP B 246 -12.11 40.39 -8.09
CA TRP B 246 -10.69 40.58 -7.82
C TRP B 246 -10.47 40.73 -6.33
N ALA B 247 -9.36 40.18 -5.84
CA ALA B 247 -8.98 40.47 -4.46
C ALA B 247 -8.65 41.95 -4.30
N ALA B 248 -8.70 42.42 -3.06
CA ALA B 248 -8.43 43.83 -2.83
C ALA B 248 -6.97 44.19 -3.10
N ASN B 249 -6.07 43.21 -3.13
CA ASN B 249 -4.69 43.53 -3.50
C ASN B 249 -4.53 43.79 -4.98
N GLY B 250 -5.56 43.54 -5.78
CA GLY B 250 -5.53 43.91 -7.19
C GLY B 250 -4.74 43.00 -8.09
N VAL B 251 -4.19 41.88 -7.60
CA VAL B 251 -3.38 41.01 -8.44
C VAL B 251 -3.82 39.56 -8.41
N PHE B 252 -4.81 39.19 -7.61
CA PHE B 252 -5.41 37.87 -7.67
C PHE B 252 -6.81 38.02 -8.21
N GLY B 253 -7.12 37.30 -9.28
CA GLY B 253 -8.42 37.40 -9.93
C GLY B 253 -9.13 36.05 -9.93
N TYR B 254 -10.46 36.09 -9.99
CA TYR B 254 -11.24 34.88 -9.77
C TYR B 254 -12.23 34.59 -10.90
N SER B 255 -11.86 34.94 -12.13
CA SER B 255 -12.70 34.63 -13.28
C SER B 255 -13.03 33.15 -13.32
N THR B 256 -14.31 32.84 -13.43
CA THR B 256 -14.85 31.51 -13.26
C THR B 256 -15.61 31.09 -14.52
N TYR B 257 -15.39 29.88 -15.00
CA TYR B 257 -15.90 29.49 -16.31
C TYR B 257 -16.76 28.23 -16.25
N ASN B 258 -17.76 28.21 -17.12
CA ASN B 258 -18.55 27.02 -17.43
C ASN B 258 -18.22 26.59 -18.86
N PHE B 259 -17.91 25.30 -19.03
CA PHE B 259 -17.64 24.73 -20.35
C PHE B 259 -18.77 23.76 -20.69
N THR B 260 -19.54 24.09 -21.72
CA THR B 260 -20.70 23.30 -22.13
C THR B 260 -20.42 22.53 -23.40
N PRO B 261 -20.59 21.21 -23.39
CA PRO B 261 -20.37 20.43 -24.62
C PRO B 261 -21.35 20.81 -25.71
N THR B 262 -20.94 20.55 -26.95
CA THR B 262 -21.76 20.88 -28.11
C THR B 262 -22.02 19.64 -28.95
N MET C 1 2.80 -44.76 -12.47
CA MET C 1 1.71 -43.97 -11.87
C MET C 1 0.90 -43.24 -12.94
N LYS C 2 -0.33 -42.90 -12.58
CA LYS C 2 -1.19 -42.07 -13.41
C LYS C 2 -1.56 -40.82 -12.63
N GLY C 3 -1.93 -39.78 -13.37
CA GLY C 3 -2.52 -38.59 -12.80
C GLY C 3 -1.60 -37.38 -12.96
N THR C 4 -1.59 -36.54 -11.93
CA THR C 4 -0.83 -35.31 -11.92
C THR C 4 0.19 -35.35 -10.80
N TYR C 5 1.07 -34.35 -10.77
CA TYR C 5 2.18 -34.33 -9.82
C TYR C 5 2.43 -32.93 -9.31
N TYR C 6 2.85 -32.86 -8.05
CA TYR C 6 3.45 -31.65 -7.50
C TYR C 6 4.89 -31.99 -7.15
N ILE C 7 5.82 -31.33 -7.83
CA ILE C 7 7.24 -31.59 -7.65
C ILE C 7 7.91 -30.32 -7.14
N ASN C 8 9.16 -30.46 -6.73
CA ASN C 8 10.00 -29.37 -6.29
C ASN C 8 11.15 -29.23 -7.29
N HIS C 9 11.36 -28.01 -7.81
CA HIS C 9 12.47 -27.86 -8.75
C HIS C 9 13.80 -27.86 -8.03
N GLY C 10 13.81 -27.50 -6.76
CA GLY C 10 15.00 -27.63 -5.95
C GLY C 10 15.97 -26.46 -6.08
N ASP C 11 17.10 -26.65 -5.40
CA ASP C 11 18.17 -25.65 -5.38
C ASP C 11 19.04 -25.81 -6.63
N PRO C 12 19.17 -24.78 -7.47
CA PRO C 12 19.98 -24.91 -8.69
C PRO C 12 21.38 -25.44 -8.43
N LEU C 13 21.88 -25.26 -7.20
CA LEU C 13 23.20 -25.76 -6.85
C LEU C 13 23.30 -27.27 -6.92
N MET C 14 22.17 -27.99 -6.87
CA MET C 14 22.23 -29.45 -6.97
C MET C 14 22.73 -29.89 -8.34
N TYR C 15 22.72 -28.98 -9.33
CA TYR C 15 23.37 -29.25 -10.60
C TYR C 15 24.84 -29.55 -10.44
N LEU C 16 25.47 -29.02 -9.38
CA LEU C 16 26.91 -29.15 -9.17
C LEU C 16 27.28 -30.13 -8.07
N LYS C 17 26.31 -30.81 -7.46
CA LYS C 17 26.63 -31.65 -6.32
C LYS C 17 26.21 -33.09 -6.58
N LYS C 18 26.79 -33.98 -5.77
CA LYS C 18 26.93 -35.40 -6.07
C LYS C 18 25.76 -36.25 -5.58
N HIS C 19 25.38 -36.07 -4.32
CA HIS C 19 24.53 -37.06 -3.67
C HIS C 19 23.25 -36.42 -3.16
N ILE C 20 22.58 -35.67 -4.03
CA ILE C 20 21.36 -34.95 -3.65
C ILE C 20 20.16 -35.82 -4.03
N LYS C 21 19.37 -36.17 -3.01
CA LYS C 21 18.29 -37.12 -3.20
C LYS C 21 17.21 -36.56 -4.12
N LEU C 22 16.89 -35.26 -4.01
CA LEU C 22 15.90 -34.67 -4.91
C LEU C 22 16.34 -34.79 -6.36
N ARG C 23 17.60 -34.53 -6.65
CA ARG C 23 18.06 -34.66 -8.03
C ARG C 23 17.99 -36.10 -8.48
N GLN C 24 18.40 -37.05 -7.62
CA GLN C 24 18.33 -38.47 -7.98
C GLN C 24 16.89 -38.90 -8.24
N PHE C 25 15.94 -38.41 -7.43
CA PHE C 25 14.54 -38.70 -7.69
C PHE C 25 14.13 -38.20 -9.07
N LEU C 26 14.47 -36.95 -9.39
CA LEU C 26 14.10 -36.36 -10.68
C LEU C 26 14.77 -37.11 -11.84
N GLU C 27 16.04 -37.49 -11.68
CA GLU C 27 16.71 -38.25 -12.74
C GLU C 27 16.00 -39.58 -12.97
N GLY C 28 15.49 -40.21 -11.91
CA GLY C 28 14.81 -41.49 -12.03
C GLY C 28 13.37 -41.44 -12.49
N TRP C 29 12.93 -40.27 -12.97
CA TRP C 29 11.51 -40.04 -13.26
C TRP C 29 10.96 -41.05 -14.26
N GLN C 30 11.65 -41.23 -15.38
CA GLN C 30 11.15 -42.13 -16.42
C GLN C 30 11.24 -43.59 -16.03
N GLU C 31 12.10 -43.91 -15.06
CA GLU C 31 12.20 -45.28 -14.58
C GLU C 31 11.25 -45.57 -13.44
N ASN C 32 10.93 -44.58 -12.58
CA ASN C 32 10.22 -44.83 -11.33
C ASN C 32 8.91 -44.08 -11.17
N VAL C 33 8.58 -43.13 -12.05
CA VAL C 33 7.39 -42.32 -11.84
C VAL C 33 6.44 -42.42 -13.03
N VAL C 34 6.89 -41.98 -14.20
CA VAL C 34 6.09 -42.01 -15.42
C VAL C 34 6.91 -42.73 -16.51
N ILE C 35 6.54 -43.98 -16.80
CA ILE C 35 7.24 -44.72 -17.85
C ILE C 35 6.71 -44.37 -19.24
N GLU C 36 5.39 -44.22 -19.38
CA GLU C 36 4.78 -43.74 -20.61
C GLU C 36 5.42 -42.40 -21.00
N LYS C 37 5.78 -42.28 -22.27
CA LYS C 37 6.26 -40.98 -22.76
C LYS C 37 5.07 -40.07 -23.01
N PRO C 38 5.04 -38.87 -22.42
CA PRO C 38 3.86 -38.01 -22.56
C PRO C 38 3.80 -37.33 -23.91
N LYS C 39 2.56 -37.04 -24.35
CA LYS C 39 2.35 -36.23 -25.55
C LYS C 39 2.91 -34.83 -25.35
N SER C 40 2.70 -34.26 -24.17
CA SER C 40 3.17 -32.93 -23.85
C SER C 40 3.12 -32.76 -22.34
N ILE C 41 3.77 -31.72 -21.85
CA ILE C 41 3.87 -31.47 -20.42
C ILE C 41 3.46 -30.03 -20.17
N LEU C 42 2.54 -29.84 -19.22
CA LEU C 42 2.19 -28.52 -18.72
C LEU C 42 2.78 -28.36 -17.33
N ILE C 43 3.68 -27.39 -17.18
CA ILE C 43 4.32 -27.08 -15.91
C ILE C 43 3.63 -25.87 -15.32
N ILE C 44 3.10 -26.00 -14.10
CA ILE C 44 2.59 -24.85 -13.37
C ILE C 44 3.77 -24.32 -12.55
N SER C 45 4.24 -23.13 -12.89
CA SER C 45 5.52 -22.65 -12.38
C SER C 45 5.31 -21.68 -11.21
N ALA C 46 5.94 -22.00 -10.07
CA ALA C 46 5.98 -21.05 -8.97
C ALA C 46 6.69 -19.75 -9.33
N HIS C 47 7.50 -19.75 -10.39
CA HIS C 47 8.33 -18.60 -10.72
C HIS C 47 7.76 -17.72 -11.83
N TRP C 48 6.55 -18.01 -12.31
CA TRP C 48 5.84 -17.12 -13.24
C TRP C 48 4.59 -16.61 -12.52
N ASP C 49 4.62 -15.36 -12.08
CA ASP C 49 3.62 -14.82 -11.17
C ASP C 49 2.85 -13.71 -11.88
N THR C 50 1.57 -13.95 -12.13
CA THR C 50 0.72 -13.06 -12.91
C THR C 50 -0.56 -12.76 -12.15
N ASN C 51 -1.36 -11.86 -12.72
CA ASN C 51 -2.65 -11.52 -12.12
C ASN C 51 -3.74 -12.50 -12.55
N VAL C 52 -3.75 -12.90 -13.81
CA VAL C 52 -4.67 -13.92 -14.30
C VAL C 52 -3.85 -15.06 -14.85
N PRO C 53 -4.43 -16.26 -14.96
CA PRO C 53 -3.73 -17.38 -15.61
C PRO C 53 -3.16 -16.99 -16.96
N THR C 54 -1.86 -17.22 -17.15
CA THR C 54 -1.18 -16.95 -18.40
C THR C 54 -0.40 -18.19 -18.84
N VAL C 55 -0.34 -18.40 -20.15
CA VAL C 55 0.17 -19.65 -20.69
C VAL C 55 1.17 -19.34 -21.81
N ASN C 56 2.05 -20.32 -22.04
CA ASN C 56 3.24 -20.17 -22.87
C ASN C 56 2.95 -20.65 -24.30
N PHE C 57 3.13 -19.77 -25.28
CA PHE C 57 2.81 -20.11 -26.69
C PHE C 57 4.03 -19.85 -27.58
N VAL C 58 4.91 -20.84 -27.71
CA VAL C 58 6.12 -20.70 -28.52
C VAL C 58 6.41 -22.00 -29.25
N GLU C 59 7.17 -21.87 -30.35
CA GLU C 59 7.68 -22.99 -31.12
C GLU C 59 8.86 -23.69 -30.44
N HIS C 60 9.79 -22.90 -29.93
CA HIS C 60 10.98 -23.40 -29.27
C HIS C 60 11.16 -22.66 -27.94
N CYS C 61 11.42 -23.40 -26.87
CA CYS C 61 11.56 -22.80 -25.54
C CYS C 61 12.96 -22.22 -25.37
N ASP C 62 13.03 -20.91 -25.18
CA ASP C 62 14.24 -20.34 -24.62
C ASP C 62 14.40 -20.79 -23.17
N THR C 63 15.65 -20.80 -22.70
CA THR C 63 15.98 -21.19 -21.32
C THR C 63 16.27 -19.93 -20.53
N ILE C 64 15.29 -19.48 -19.74
CA ILE C 64 15.47 -18.29 -18.91
C ILE C 64 16.19 -18.68 -17.62
N HIS C 65 17.32 -18.03 -17.35
CA HIS C 65 18.07 -18.26 -16.12
C HIS C 65 17.66 -17.20 -15.09
N ASP C 66 16.43 -17.37 -14.59
CA ASP C 66 15.81 -16.39 -13.70
C ASP C 66 16.14 -16.69 -12.23
N PHE C 67 17.44 -16.62 -11.92
CA PHE C 67 17.90 -16.79 -10.55
C PHE C 67 19.21 -16.03 -10.39
N ASP C 68 19.57 -15.71 -9.15
CA ASP C 68 20.62 -14.73 -8.86
C ASP C 68 21.76 -15.36 -8.05
N ASP C 69 23.00 -15.04 -8.47
CA ASP C 69 24.21 -15.27 -7.69
C ASP C 69 24.63 -16.74 -7.66
N TYR C 70 24.28 -17.48 -8.68
CA TYR C 70 24.70 -18.87 -8.76
C TYR C 70 25.98 -18.98 -9.57
N PRO C 71 26.75 -20.07 -9.39
CA PRO C 71 27.98 -20.22 -10.17
C PRO C 71 27.72 -20.20 -11.67
N ASP C 72 28.67 -19.63 -12.41
CA ASP C 72 28.61 -19.50 -13.88
C ASP C 72 27.99 -20.67 -14.62
N PRO C 73 28.31 -21.94 -14.32
CA PRO C 73 27.74 -23.04 -15.12
C PRO C 73 26.22 -23.06 -15.16
N LEU C 74 25.56 -22.64 -14.08
CA LEU C 74 24.09 -22.66 -14.06
C LEU C 74 23.51 -21.80 -15.17
N TYR C 75 24.22 -20.72 -15.56
CA TYR C 75 23.73 -19.80 -16.58
C TYR C 75 24.05 -20.26 -17.99
N GLN C 76 24.91 -21.26 -18.16
CA GLN C 76 25.22 -21.76 -19.49
C GLN C 76 24.27 -22.87 -19.95
N ILE C 77 23.41 -23.37 -19.04
CA ILE C 77 22.54 -24.48 -19.38
C ILE C 77 21.50 -24.04 -20.41
N GLN C 78 21.31 -24.87 -21.44
CA GLN C 78 20.24 -24.64 -22.41
C GLN C 78 19.41 -25.92 -22.50
N TYR C 79 18.10 -25.78 -22.35
CA TYR C 79 17.15 -26.89 -22.42
C TYR C 79 16.24 -26.65 -23.63
N ARG C 80 16.69 -27.10 -24.80
CA ARG C 80 16.04 -26.76 -26.07
C ARG C 80 14.84 -27.66 -26.33
N ALA C 81 13.87 -27.57 -25.44
CA ALA C 81 12.65 -28.34 -25.63
C ALA C 81 11.76 -27.64 -26.65
N PRO C 82 10.94 -28.38 -27.37
CA PRO C 82 9.94 -27.73 -28.22
C PRO C 82 8.86 -27.10 -27.36
N GLY C 83 8.28 -26.02 -27.88
CA GLY C 83 7.10 -25.46 -27.26
C GLY C 83 5.93 -26.41 -27.41
N ALA C 84 4.81 -26.01 -26.82
CA ALA C 84 3.56 -26.78 -26.91
C ALA C 84 2.42 -25.82 -27.20
N PRO C 85 2.43 -25.20 -28.39
CA PRO C 85 1.47 -24.12 -28.66
C PRO C 85 0.03 -24.60 -28.72
N ASN C 86 -0.22 -25.85 -29.16
CA ASN C 86 -1.60 -26.35 -29.16
C ASN C 86 -2.07 -26.61 -27.74
N LEU C 87 -1.21 -27.18 -26.90
CA LEU C 87 -1.55 -27.34 -25.49
C LEU C 87 -1.86 -25.98 -24.86
N ALA C 88 -1.00 -24.99 -25.12
CA ALA C 88 -1.26 -23.64 -24.60
C ALA C 88 -2.65 -23.16 -24.99
N LYS C 89 -3.03 -23.36 -26.26
CA LYS C 89 -4.33 -22.90 -26.74
C LYS C 89 -5.46 -23.71 -26.11
N LYS C 90 -5.25 -25.01 -25.91
CA LYS C 90 -6.27 -25.84 -25.28
C LYS C 90 -6.46 -25.44 -23.82
N VAL C 91 -5.37 -25.08 -23.13
CA VAL C 91 -5.50 -24.57 -21.76
C VAL C 91 -6.35 -23.31 -21.76
N GLU C 92 -6.08 -22.40 -22.69
CA GLU C 92 -6.83 -21.15 -22.74
C GLU C 92 -8.31 -21.41 -22.99
N GLU C 93 -8.62 -22.34 -23.88
CA GLU C 93 -10.00 -22.66 -24.20
C GLU C 93 -10.73 -23.26 -22.98
N LEU C 94 -10.07 -24.20 -22.30
CA LEU C 94 -10.70 -24.86 -21.16
C LEU C 94 -10.97 -23.87 -20.03
N LEU C 95 -10.00 -22.99 -19.75
CA LEU C 95 -10.20 -22.00 -18.71
C LEU C 95 -11.35 -21.06 -19.06
N LYS C 96 -11.40 -20.60 -20.31
CA LYS C 96 -12.45 -19.69 -20.72
C LYS C 96 -13.81 -20.36 -20.69
N GLU C 97 -13.89 -21.62 -21.11
CA GLU C 97 -15.16 -22.34 -21.03
C GLU C 97 -15.61 -22.54 -19.59
N SER C 98 -14.68 -22.56 -18.63
CA SER C 98 -15.02 -22.63 -17.22
C SER C 98 -15.20 -21.25 -16.60
N GLY C 99 -15.27 -20.21 -17.40
CA GLY C 99 -15.48 -18.87 -16.87
C GLY C 99 -14.27 -18.23 -16.24
N MET C 100 -13.06 -18.66 -16.58
CA MET C 100 -11.84 -18.11 -16.03
C MET C 100 -11.06 -17.38 -17.14
N GLU C 101 -10.40 -16.29 -16.76
CA GLU C 101 -9.53 -15.59 -17.68
C GLU C 101 -8.27 -16.41 -17.95
N CYS C 102 -7.74 -16.29 -19.16
CA CYS C 102 -6.45 -16.87 -19.46
C CYS C 102 -5.82 -16.10 -20.60
N GLU C 103 -4.62 -15.59 -20.36
CA GLU C 103 -3.86 -14.87 -21.37
C GLU C 103 -2.74 -15.74 -21.92
N ILE C 104 -2.25 -15.37 -23.09
CA ILE C 104 -1.25 -16.14 -23.82
C ILE C 104 -0.06 -15.23 -24.08
N ASP C 105 1.13 -15.71 -23.74
CA ASP C 105 2.38 -15.00 -23.95
C ASP C 105 3.11 -15.64 -25.12
N THR C 106 3.31 -14.88 -26.18
CA THR C 106 3.86 -15.46 -27.41
C THR C 106 5.39 -15.47 -27.45
N LYS C 107 6.06 -15.02 -26.38
CA LYS C 107 7.50 -14.87 -26.45
C LYS C 107 8.24 -15.56 -25.31
N ARG C 108 7.62 -15.66 -24.14
CA ARG C 108 8.31 -16.14 -22.95
C ARG C 108 8.74 -17.60 -23.09
N GLY C 109 9.99 -17.88 -22.72
CA GLY C 109 10.49 -19.23 -22.65
C GLY C 109 10.19 -19.89 -21.32
N LEU C 110 11.00 -20.87 -20.97
CA LEU C 110 10.84 -21.65 -19.74
C LEU C 110 11.70 -21.06 -18.64
N ASP C 111 11.09 -20.66 -17.52
CA ASP C 111 11.89 -20.31 -16.36
C ASP C 111 12.41 -21.57 -15.70
N HIS C 112 13.29 -21.41 -14.70
CA HIS C 112 13.97 -22.57 -14.15
C HIS C 112 13.04 -23.49 -13.37
N ALA C 113 11.86 -23.02 -12.95
CA ALA C 113 10.91 -23.93 -12.31
C ALA C 113 10.50 -25.04 -13.26
N ALA C 114 10.54 -24.77 -14.57
CA ALA C 114 10.27 -25.81 -15.56
C ALA C 114 11.54 -26.54 -15.99
N TRP C 115 12.50 -25.82 -16.60
CA TRP C 115 13.57 -26.52 -17.28
C TRP C 115 14.53 -27.21 -16.33
N PHE C 116 14.68 -26.71 -15.09
CA PHE C 116 15.67 -27.32 -14.19
C PHE C 116 15.28 -28.74 -13.79
N PRO C 117 14.06 -29.01 -13.31
CA PRO C 117 13.71 -30.44 -13.07
C PRO C 117 13.57 -31.23 -14.37
N LEU C 118 12.99 -30.62 -15.40
CA LEU C 118 12.80 -31.34 -16.66
C LEU C 118 14.11 -31.78 -17.30
N MET C 119 15.19 -31.05 -17.06
CA MET C 119 16.49 -31.48 -17.60
C MET C 119 16.93 -32.79 -16.97
N PHE C 120 16.51 -33.07 -15.74
CA PHE C 120 16.79 -34.34 -15.12
C PHE C 120 15.74 -35.39 -15.49
N MET C 121 14.47 -34.98 -15.54
CA MET C 121 13.40 -35.93 -15.84
C MET C 121 13.40 -36.33 -17.31
N TYR C 122 13.51 -35.35 -18.20
CA TYR C 122 13.46 -35.57 -19.65
C TYR C 122 14.67 -34.89 -20.28
N PRO C 123 15.88 -35.43 -20.03
CA PRO C 123 17.09 -34.76 -20.51
C PRO C 123 17.18 -34.63 -22.01
N GLU C 124 16.40 -35.36 -22.79
CA GLU C 124 16.60 -35.14 -24.22
C GLU C 124 15.74 -34.02 -24.76
N ALA C 125 14.94 -33.34 -23.92
CA ALA C 125 14.26 -32.11 -24.31
C ALA C 125 13.45 -32.31 -25.58
N ASN C 126 12.85 -33.49 -25.71
CA ASN C 126 12.05 -33.84 -26.88
C ASN C 126 10.56 -33.92 -26.56
N ILE C 127 10.15 -33.48 -25.37
CA ILE C 127 8.74 -33.40 -24.99
C ILE C 127 8.30 -31.95 -25.14
N PRO C 128 7.25 -31.66 -25.90
CA PRO C 128 6.74 -30.28 -25.95
C PRO C 128 6.34 -29.82 -24.55
N ILE C 129 6.85 -28.65 -24.17
CA ILE C 129 6.63 -28.10 -22.83
C ILE C 129 5.82 -26.83 -22.96
N CYS C 130 4.84 -26.69 -22.08
CA CYS C 130 4.06 -25.47 -21.94
C CYS C 130 4.00 -25.09 -20.47
N GLU C 131 4.16 -23.80 -20.18
CA GLU C 131 4.20 -23.32 -18.81
C GLU C 131 2.98 -22.47 -18.49
N LEU C 132 2.40 -22.69 -17.31
CA LEU C 132 1.25 -21.94 -16.83
C LEU C 132 1.64 -21.22 -15.54
N SER C 133 1.27 -19.94 -15.45
CA SER C 133 1.63 -19.11 -14.31
C SER C 133 0.69 -19.35 -13.12
N VAL C 134 1.17 -19.00 -11.93
CA VAL C 134 0.33 -18.95 -10.75
C VAL C 134 -0.05 -17.50 -10.49
N GLN C 135 -1.07 -17.30 -9.65
CA GLN C 135 -1.61 -15.98 -9.33
C GLN C 135 -1.49 -15.78 -7.83
N PRO C 136 -0.32 -15.37 -7.33
CA PRO C 136 -0.09 -15.40 -5.87
C PRO C 136 -0.99 -14.47 -5.08
N SER C 137 -1.60 -13.47 -5.70
CA SER C 137 -2.55 -12.65 -4.96
C SER C 137 -3.94 -13.28 -4.91
N LYS C 138 -4.12 -14.48 -5.43
CA LYS C 138 -5.41 -15.16 -5.39
C LYS C 138 -5.33 -16.38 -4.48
N ASP C 139 -6.47 -17.06 -4.38
CA ASP C 139 -6.79 -18.12 -3.43
C ASP C 139 -6.15 -19.45 -3.79
N GLY C 140 -5.96 -20.30 -2.77
CA GLY C 140 -5.80 -21.71 -3.03
C GLY C 140 -6.97 -22.28 -3.83
N ILE C 141 -8.17 -21.82 -3.51
CA ILE C 141 -9.38 -22.26 -4.19
C ILE C 141 -9.36 -21.82 -5.65
N HIS C 142 -8.86 -20.61 -5.92
CA HIS C 142 -8.71 -20.17 -7.30
C HIS C 142 -7.80 -21.11 -8.08
N HIS C 143 -6.65 -21.46 -7.49
CA HIS C 143 -5.71 -22.35 -8.16
C HIS C 143 -6.26 -23.77 -8.29
N TYR C 144 -7.01 -24.22 -7.28
CA TYR C 144 -7.71 -25.49 -7.42
C TYR C 144 -8.67 -25.44 -8.62
N ASN C 145 -9.39 -24.33 -8.79
CA ASN C 145 -10.37 -24.24 -9.86
C ASN C 145 -9.69 -24.17 -11.22
N VAL C 146 -8.54 -23.49 -11.30
CA VAL C 146 -7.76 -23.55 -12.54
C VAL C 146 -7.47 -25.00 -12.90
N GLY C 147 -6.94 -25.77 -11.93
CA GLY C 147 -6.66 -27.17 -12.18
C GLY C 147 -7.90 -27.95 -12.58
N LYS C 148 -9.02 -27.70 -11.91
CA LYS C 148 -10.25 -28.43 -12.21
C LYS C 148 -10.64 -28.28 -13.68
N ALA C 149 -10.57 -27.05 -14.21
CA ALA C 149 -10.92 -26.84 -15.61
C ALA C 149 -9.97 -27.56 -16.57
N LEU C 150 -8.77 -27.89 -16.12
CA LEU C 150 -7.80 -28.54 -16.98
C LEU C 150 -7.83 -30.06 -16.89
N SER C 151 -8.73 -30.60 -16.07
CA SER C 151 -8.85 -32.04 -15.85
C SER C 151 -8.98 -32.85 -17.14
N PRO C 152 -9.67 -32.37 -18.20
CA PRO C 152 -9.79 -33.22 -19.42
C PRO C 152 -8.47 -33.46 -20.14
N LEU C 153 -7.41 -32.67 -19.90
CA LEU C 153 -6.14 -32.89 -20.60
C LEU C 153 -5.47 -34.19 -20.18
N LEU C 154 -5.87 -34.76 -19.03
CA LEU C 154 -5.34 -36.04 -18.60
C LEU C 154 -5.58 -37.13 -19.63
N GLN C 155 -6.81 -37.23 -20.14
CA GLN C 155 -7.11 -38.25 -21.14
C GLN C 155 -6.54 -37.93 -22.51
N GLN C 156 -5.91 -36.76 -22.68
CA GLN C 156 -5.28 -36.38 -23.94
C GLN C 156 -3.76 -36.51 -23.90
N GLY C 157 -3.22 -37.38 -23.04
CA GLY C 157 -1.79 -37.58 -23.01
C GLY C 157 -0.96 -36.43 -22.45
N VAL C 158 -1.56 -35.51 -21.71
CA VAL C 158 -0.85 -34.37 -21.13
C VAL C 158 -0.37 -34.74 -19.73
N LEU C 159 0.92 -34.56 -19.49
CA LEU C 159 1.49 -34.72 -18.16
C LEU C 159 1.45 -33.36 -17.46
N ILE C 160 0.65 -33.24 -16.41
CA ILE C 160 0.45 -31.98 -15.69
C ILE C 160 1.27 -32.04 -14.39
N ILE C 161 2.14 -31.03 -14.20
CA ILE C 161 3.09 -31.02 -13.09
C ILE C 161 3.15 -29.62 -12.50
N GLY C 162 2.75 -29.49 -11.23
CA GLY C 162 3.04 -28.28 -10.49
C GLY C 162 4.49 -28.31 -10.02
N SER C 163 5.21 -27.22 -10.25
CA SER C 163 6.61 -27.14 -9.85
C SER C 163 6.77 -26.02 -8.84
N GLY C 164 6.92 -26.40 -7.57
CA GLY C 164 7.12 -25.42 -6.51
C GLY C 164 8.17 -25.81 -5.50
N GLY C 165 7.89 -25.50 -4.24
CA GLY C 165 8.75 -25.81 -3.11
C GLY C 165 7.85 -26.02 -1.92
N THR C 166 7.86 -27.22 -1.35
CA THR C 166 6.81 -27.60 -0.40
C THR C 166 6.92 -26.83 0.90
N VAL C 167 8.13 -26.59 1.39
CA VAL C 167 8.39 -25.69 2.50
C VAL C 167 9.40 -24.67 1.99
N HIS C 168 9.01 -23.41 1.93
CA HIS C 168 9.72 -22.39 1.15
C HIS C 168 9.76 -21.07 1.92
N PRO C 169 10.48 -21.02 3.03
CA PRO C 169 10.47 -19.81 3.86
C PRO C 169 11.20 -18.66 3.20
N SER C 170 10.97 -17.47 3.74
CA SER C 170 11.77 -16.31 3.36
C SER C 170 13.25 -16.56 3.61
N ASP C 171 14.09 -15.86 2.84
CA ASP C 171 15.53 -15.86 3.07
C ASP C 171 15.91 -15.33 4.46
N ASP C 172 15.01 -14.60 5.12
CA ASP C 172 15.33 -14.07 6.45
C ASP C 172 15.05 -15.07 7.56
N THR C 173 14.40 -16.19 7.26
CA THR C 173 14.13 -17.19 8.28
C THR C 173 15.42 -17.94 8.61
N PRO C 174 15.81 -18.02 9.89
CA PRO C 174 17.08 -18.67 10.22
C PRO C 174 17.09 -20.15 9.87
N HIS C 175 18.27 -20.67 9.55
CA HIS C 175 18.44 -22.07 9.19
C HIS C 175 18.45 -22.94 10.44
N CYS C 176 18.30 -24.24 10.23
CA CYS C 176 18.44 -25.25 11.27
C CYS C 176 19.54 -26.21 10.82
N PRO C 177 20.80 -25.88 11.10
CA PRO C 177 21.90 -26.70 10.56
C PRO C 177 22.00 -28.10 11.18
N ASN C 178 21.52 -28.30 12.40
CA ASN C 178 21.52 -29.62 13.02
C ASN C 178 20.11 -30.19 13.03
N GLY C 179 19.64 -30.51 11.84
CA GLY C 179 18.36 -31.16 11.69
C GLY C 179 17.37 -30.39 10.84
N VAL C 180 16.10 -30.71 10.99
CA VAL C 180 15.02 -30.00 10.32
C VAL C 180 14.31 -29.13 11.35
N ALA C 181 13.93 -27.92 10.97
CA ALA C 181 13.21 -27.06 11.89
C ALA C 181 11.89 -27.72 12.32
N PRO C 182 11.59 -27.79 13.61
CA PRO C 182 10.28 -28.31 14.04
C PRO C 182 9.09 -27.60 13.40
N TRP C 183 9.14 -26.27 13.21
CA TRP C 183 8.01 -25.61 12.58
C TRP C 183 7.78 -26.16 11.18
N ALA C 184 8.87 -26.52 10.47
CA ALA C 184 8.75 -27.00 9.10
C ALA C 184 8.17 -28.41 9.05
N ILE C 185 8.61 -29.28 9.96
CA ILE C 185 8.02 -30.61 10.05
C ILE C 185 6.53 -30.51 10.32
N GLU C 186 6.13 -29.55 11.16
CA GLU C 186 4.70 -29.42 11.49
C GLU C 186 3.90 -29.05 10.25
N PHE C 187 4.38 -28.07 9.47
CA PHE C 187 3.67 -27.75 8.23
C PHE C 187 3.70 -28.93 7.28
N ASP C 188 4.88 -29.52 7.06
CA ASP C 188 5.02 -30.64 6.13
C ASP C 188 4.13 -31.82 6.52
N ASN C 189 4.11 -32.17 7.81
CA ASN C 189 3.27 -33.25 8.28
C ASN C 189 1.79 -32.92 8.08
N TRP C 190 1.41 -31.67 8.33
CA TRP C 190 0.02 -31.29 8.14
C TRP C 190 -0.41 -31.51 6.70
N LEU C 191 0.40 -31.00 5.75
CA LEU C 191 0.02 -31.10 4.34
C LEU C 191 -0.12 -32.56 3.92
N GLU C 192 0.84 -33.40 4.35
CA GLU C 192 0.79 -34.83 4.00
C GLU C 192 -0.49 -35.49 4.55
N ASP C 193 -0.82 -35.22 5.81
CA ASP C 193 -1.98 -35.91 6.38
C ASP C 193 -3.30 -35.36 5.84
N ALA C 194 -3.36 -34.05 5.54
CA ALA C 194 -4.54 -33.50 4.88
C ALA C 194 -4.77 -34.14 3.51
N LEU C 195 -3.71 -34.25 2.71
CA LEU C 195 -3.84 -34.87 1.39
C LEU C 195 -4.19 -36.35 1.49
N LEU C 196 -3.52 -37.09 2.39
CA LEU C 196 -3.78 -38.53 2.53
C LEU C 196 -5.20 -38.79 2.99
N SER C 197 -5.73 -37.95 3.87
CA SER C 197 -7.09 -38.13 4.35
C SER C 197 -8.12 -37.52 3.42
N GLY C 198 -7.71 -37.01 2.26
CA GLY C 198 -8.68 -36.47 1.32
C GLY C 198 -9.31 -35.17 1.75
N ARG C 199 -8.70 -34.45 2.69
CA ARG C 199 -9.22 -33.16 3.15
C ARG C 199 -8.76 -32.03 2.22
N TYR C 200 -9.20 -32.13 0.95
CA TYR C 200 -8.71 -31.24 -0.10
C TYR C 200 -9.24 -29.81 0.05
N GLU C 201 -10.46 -29.65 0.55
CA GLU C 201 -10.94 -28.30 0.85
C GLU C 201 -10.07 -27.66 1.93
N ASP C 202 -9.63 -28.44 2.92
CA ASP C 202 -8.69 -27.93 3.91
C ASP C 202 -7.40 -27.46 3.24
N VAL C 203 -6.91 -28.22 2.26
CA VAL C 203 -5.70 -27.81 1.57
C VAL C 203 -5.95 -26.50 0.83
N ASN C 204 -7.11 -26.37 0.19
CA ASN C 204 -7.43 -25.09 -0.45
C ASN C 204 -7.53 -23.97 0.57
N ASN C 205 -7.94 -24.27 1.79
CA ASN C 205 -8.09 -23.26 2.85
C ASN C 205 -6.97 -23.37 3.86
N PHE C 206 -5.75 -23.70 3.38
CA PHE C 206 -4.64 -23.94 4.31
C PHE C 206 -4.36 -22.73 5.18
N LYS C 207 -4.63 -21.51 4.68
CA LYS C 207 -4.37 -20.32 5.47
C LYS C 207 -5.17 -20.31 6.77
N LYS C 208 -6.33 -20.97 6.78
CA LYS C 208 -7.16 -21.04 7.98
C LYS C 208 -6.72 -22.12 8.97
N LEU C 209 -5.83 -23.04 8.57
CA LEU C 209 -5.65 -24.27 9.34
C LEU C 209 -4.20 -24.69 9.52
N ALA C 210 -3.35 -24.50 8.50
CA ALA C 210 -2.09 -25.21 8.48
C ALA C 210 -1.11 -24.58 9.47
N PRO C 211 -0.50 -25.37 10.35
CA PRO C 211 0.51 -24.80 11.26
C PRO C 211 1.69 -24.24 10.49
N ASN C 212 2.03 -22.97 10.79
CA ASN C 212 3.23 -22.30 10.31
C ASN C 212 3.23 -22.07 8.80
N TRP C 213 2.05 -21.97 8.17
CA TRP C 213 2.06 -21.64 6.76
C TRP C 213 2.69 -20.27 6.54
N GLU C 214 2.55 -19.36 7.52
CA GLU C 214 3.11 -18.02 7.39
C GLU C 214 4.65 -18.05 7.38
N ILE C 215 5.26 -19.03 8.05
CA ILE C 215 6.70 -19.21 7.96
C ILE C 215 7.05 -19.98 6.69
N SER C 216 6.23 -20.97 6.34
CA SER C 216 6.56 -21.88 5.25
C SER C 216 6.29 -21.28 3.88
N HIS C 217 5.35 -20.35 3.79
CA HIS C 217 4.91 -19.81 2.49
C HIS C 217 4.50 -18.37 2.67
N PRO C 218 5.45 -17.48 2.97
CA PRO C 218 5.09 -16.08 3.19
C PRO C 218 4.50 -15.44 1.96
N GLY C 219 4.89 -15.89 0.76
CA GLY C 219 4.26 -15.45 -0.47
C GLY C 219 3.29 -16.43 -1.12
N GLN C 220 3.43 -17.74 -0.79
CA GLN C 220 2.57 -18.83 -1.26
C GLN C 220 2.78 -19.23 -2.72
N GLU C 221 3.49 -18.43 -3.52
CA GLU C 221 3.66 -18.78 -4.93
C GLU C 221 4.29 -20.16 -5.11
N HIS C 222 5.07 -20.65 -4.15
CA HIS C 222 5.70 -21.97 -4.30
C HIS C 222 4.81 -23.11 -3.84
N LEU C 223 3.69 -22.81 -3.17
CA LEU C 223 2.71 -23.82 -2.81
C LEU C 223 1.58 -23.93 -3.83
N TYR C 224 1.15 -22.81 -4.42
CA TYR C 224 -0.02 -22.85 -5.28
C TYR C 224 0.09 -23.79 -6.49
N PRO C 225 1.26 -24.14 -7.03
CA PRO C 225 1.26 -25.17 -8.08
C PRO C 225 0.66 -26.49 -7.62
N LEU C 226 0.78 -26.79 -6.32
CA LEU C 226 0.16 -27.99 -5.79
C LEU C 226 -1.35 -27.96 -6.01
N HIS C 227 -2.00 -26.84 -5.67
CA HIS C 227 -3.45 -26.76 -5.81
C HIS C 227 -3.86 -26.95 -7.27
N VAL C 228 -3.07 -26.44 -8.21
CA VAL C 228 -3.45 -26.59 -9.62
C VAL C 228 -3.34 -28.05 -10.04
N ALA C 229 -2.23 -28.70 -9.69
CA ALA C 229 -2.11 -30.12 -10.03
C ALA C 229 -3.22 -30.93 -9.40
N LEU C 230 -3.49 -30.66 -8.12
CA LEU C 230 -4.52 -31.40 -7.39
C LEU C 230 -5.88 -31.27 -8.08
N GLY C 231 -6.27 -30.03 -8.40
CA GLY C 231 -7.53 -29.83 -9.11
C GLY C 231 -7.60 -30.57 -10.43
N ALA C 232 -6.49 -30.60 -11.18
CA ALA C 232 -6.48 -31.25 -12.48
C ALA C 232 -6.68 -32.76 -12.40
N ALA C 233 -6.58 -33.35 -11.21
CA ALA C 233 -6.75 -34.79 -11.05
C ALA C 233 -8.21 -35.20 -10.84
N GLY C 234 -9.16 -34.28 -10.98
CA GLY C 234 -10.57 -34.62 -10.84
C GLY C 234 -11.03 -34.61 -9.40
N LYS C 235 -12.29 -34.97 -9.21
CA LYS C 235 -12.86 -34.95 -7.87
C LYS C 235 -12.39 -36.15 -7.07
N ASN C 236 -12.11 -35.91 -5.79
CA ASN C 236 -11.56 -36.88 -4.84
C ASN C 236 -10.50 -37.79 -5.45
N PRO C 237 -9.37 -37.24 -5.89
CA PRO C 237 -8.25 -38.08 -6.26
C PRO C 237 -7.66 -38.73 -5.01
N LYS C 238 -6.80 -39.71 -5.24
CA LYS C 238 -6.03 -40.32 -4.17
C LYS C 238 -4.60 -39.79 -4.24
N THR C 239 -4.09 -39.32 -3.11
CA THR C 239 -2.76 -38.72 -3.04
C THR C 239 -1.77 -39.73 -2.51
N GLN C 240 -0.57 -39.72 -3.07
CA GLN C 240 0.53 -40.45 -2.44
C GLN C 240 1.81 -39.64 -2.48
N LEU C 241 2.58 -39.78 -1.40
CA LEU C 241 3.91 -39.18 -1.27
C LEU C 241 4.90 -40.03 -2.04
N ILE C 242 5.64 -39.44 -2.98
CA ILE C 242 6.57 -40.17 -3.83
C ILE C 242 8.00 -39.70 -3.68
N HIS C 243 8.25 -38.64 -2.92
CA HIS C 243 9.61 -38.31 -2.54
C HIS C 243 9.55 -37.37 -1.35
N ARG C 244 10.52 -37.53 -0.45
CA ARG C 244 10.68 -36.59 0.65
C ARG C 244 12.16 -36.42 0.93
N SER C 245 12.63 -35.17 0.96
CA SER C 245 13.99 -34.82 1.36
C SER C 245 13.97 -33.40 1.89
N TRP C 246 15.06 -33.02 2.56
CA TRP C 246 15.23 -31.68 3.09
C TRP C 246 16.56 -31.12 2.63
N ALA C 247 16.58 -29.83 2.33
CA ALA C 247 17.85 -29.15 2.13
C ALA C 247 18.68 -29.18 3.41
N ALA C 248 20.00 -29.05 3.25
CA ALA C 248 20.91 -29.11 4.38
C ALA C 248 20.64 -27.97 5.37
N ASN C 249 20.11 -26.84 4.90
CA ASN C 249 19.82 -25.73 5.80
C ASN C 249 18.66 -26.05 6.74
N GLY C 250 17.95 -27.16 6.53
CA GLY C 250 16.96 -27.63 7.47
C GLY C 250 15.61 -26.92 7.46
N VAL C 251 15.40 -25.99 6.54
CA VAL C 251 14.15 -25.23 6.50
C VAL C 251 13.51 -25.19 5.12
N PHE C 252 14.10 -25.84 4.11
CA PHE C 252 13.46 -26.02 2.81
C PHE C 252 13.20 -27.50 2.61
N GLY C 253 11.95 -27.86 2.36
CA GLY C 253 11.55 -29.25 2.24
C GLY C 253 10.93 -29.56 0.89
N TYR C 254 11.14 -30.80 0.42
CA TYR C 254 10.85 -31.18 -0.96
C TYR C 254 9.84 -32.32 -1.06
N SER C 255 8.81 -32.32 -0.19
CA SER C 255 7.81 -33.37 -0.27
C SER C 255 7.11 -33.32 -1.63
N THR C 256 7.04 -34.46 -2.30
CA THR C 256 6.56 -34.56 -3.68
C THR C 256 5.36 -35.49 -3.75
N TYR C 257 4.33 -35.11 -4.49
CA TYR C 257 3.06 -35.84 -4.46
C TYR C 257 2.59 -36.23 -5.85
N ASN C 258 1.92 -37.38 -5.90
CA ASN C 258 1.20 -37.84 -7.07
C ASN C 258 -0.29 -37.85 -6.73
N PHE C 259 -1.09 -37.22 -7.59
CA PHE C 259 -2.54 -37.20 -7.45
C PHE C 259 -3.13 -38.08 -8.54
N THR C 260 -3.79 -39.17 -8.14
CA THR C 260 -4.33 -40.14 -9.08
C THR C 260 -5.85 -40.05 -9.11
N PRO C 261 -6.47 -39.79 -10.27
CA PRO C 261 -7.94 -39.71 -10.33
C PRO C 261 -8.59 -41.02 -9.93
N THR C 262 -9.81 -40.93 -9.43
CA THR C 262 -10.54 -42.11 -8.95
C THR C 262 -11.80 -42.34 -9.76
C1 CIT D . -6.17 -0.27 11.39
O1 CIT D . -5.15 0.05 10.73
O2 CIT D . -7.29 -0.39 10.82
C2 CIT D . -6.04 -0.51 12.90
C3 CIT D . -4.62 -0.86 13.38
O7 CIT D . -3.81 0.25 13.66
C4 CIT D . -4.81 -1.72 14.63
C5 CIT D . -3.46 -2.03 15.29
O3 CIT D . -3.51 -2.67 16.36
O4 CIT D . -2.35 -1.65 14.83
C6 CIT D . -3.86 -1.72 12.39
O5 CIT D . -2.64 -1.44 12.21
O6 CIT D . -4.44 -2.66 11.80
FE FE2 E . -1.85 -0.27 13.53
C TRS F . -6.84 -5.43 15.34
C1 TRS F . -6.57 -5.70 13.85
C2 TRS F . -5.58 -4.94 16.06
C3 TRS F . -7.27 -6.72 16.03
N TRS F . -7.90 -4.44 15.42
O1 TRS F . -6.94 -4.63 13.01
O2 TRS F . -5.82 -4.23 17.27
O3 TRS F . -8.30 -7.29 15.27
C1 GOL G . 9.30 -11.47 5.73
O1 GOL G . 9.08 -12.00 4.46
C2 GOL G . 8.50 -12.36 6.67
O2 GOL G . 7.19 -12.39 6.21
C3 GOL G . 9.14 -13.76 6.69
O3 GOL G . 8.23 -14.81 6.50
C1 GOL H . 12.11 -19.01 13.48
O1 GOL H . 12.25 -18.65 12.14
C2 GOL H . 10.75 -19.67 13.73
O2 GOL H . 9.75 -18.70 13.59
C3 GOL H . 10.76 -20.19 15.17
O3 GOL H . 9.59 -20.95 15.45
C1 GOL I . 8.31 24.85 21.11
O1 GOL I . 9.65 24.58 21.38
C2 GOL I . 7.63 23.48 21.17
O2 GOL I . 6.88 23.41 22.34
C3 GOL I . 6.82 23.24 19.88
O3 GOL I . 7.66 22.81 18.82
C1 GOL J . 8.56 12.82 29.81
O1 GOL J . 8.07 13.87 30.62
C2 GOL J . 10.06 12.54 29.99
O2 GOL J . 10.87 13.46 29.29
C3 GOL J . 10.48 12.51 31.46
O3 GOL J . 11.59 11.66 31.61
C1 GOL K . 0.79 22.89 7.78
O1 GOL K . 0.00 22.79 6.64
C2 GOL K . 0.69 24.29 8.38
O2 GOL K . 1.77 24.50 9.26
C3 GOL K . -0.63 24.45 9.12
O3 GOL K . -0.77 23.46 10.11
C1 GOL L . -9.10 -15.16 9.70
O1 GOL L . -7.84 -14.62 10.00
C2 GOL L . -9.05 -15.92 8.37
O2 GOL L . -10.35 -16.35 8.04
C3 GOL L . -8.12 -17.14 8.46
O3 GOL L . -7.31 -17.21 7.30
C1 GOL M . 21.49 2.18 7.73
O1 GOL M . 20.82 2.53 6.54
C2 GOL M . 20.70 2.67 8.92
O2 GOL M . 19.93 3.74 8.47
C3 GOL M . 21.62 3.11 10.06
O3 GOL M . 21.93 2.03 10.89
C1 GOL N . 24.68 -3.02 21.48
O1 GOL N . 24.06 -3.13 20.22
C2 GOL N . 23.60 -3.07 22.55
O2 GOL N . 22.75 -1.97 22.40
C3 GOL N . 24.21 -3.07 23.96
O3 GOL N . 23.23 -3.37 24.91
C1 GOL O . -6.63 -14.11 29.04
O1 GOL O . -5.25 -13.94 28.83
C2 GOL O . -7.33 -14.06 27.69
O2 GOL O . -6.96 -12.88 27.04
C3 GOL O . -6.87 -15.27 26.87
O3 GOL O . -6.79 -16.40 27.69
C1 GOL P . 17.20 -15.86 22.78
O1 GOL P . 17.32 -14.51 22.41
C2 GOL P . 17.42 -16.73 21.55
O2 GOL P . 18.53 -17.55 21.76
C3 GOL P . 16.17 -17.56 21.28
O3 GOL P . 16.27 -18.13 20.00
C1 PEG Q . -13.50 -21.06 14.11
O1 PEG Q . -13.31 -22.45 14.02
C2 PEG Q . -12.51 -20.39 15.08
O2 PEG Q . -11.49 -19.71 14.42
C3 PEG Q . -10.88 -20.50 13.45
C4 PEG Q . -9.47 -19.99 13.19
O4 PEG Q . -9.50 -18.63 12.87
C1 PEG R . 15.82 -6.91 8.25
O1 PEG R . 15.65 -5.78 7.45
C2 PEG R . 16.66 -7.95 7.50
O2 PEG R . 17.53 -8.66 8.35
C3 PEG R . 18.10 -9.78 7.74
C4 PEG R . 19.01 -10.54 8.71
O4 PEG R . 18.23 -11.24 9.62
C1 CIT S . -3.42 29.33 0.49
O1 CIT S . -2.87 28.32 -0.05
O2 CIT S . -3.00 29.75 1.59
C2 CIT S . -4.59 30.05 -0.14
C3 CIT S . -4.74 29.83 -1.65
O7 CIT S . -5.38 28.62 -1.96
C4 CIT S . -5.48 31.06 -2.18
C5 CIT S . -5.82 30.93 -3.66
O3 CIT S . -6.58 31.80 -4.15
O4 CIT S . -5.38 29.98 -4.39
C6 CIT S . -3.40 29.84 -2.33
O5 CIT S . -3.12 29.02 -3.25
O6 CIT S . -2.58 30.70 -1.98
FE FE2 T . -4.80 28.11 -3.92
C TRS U . -4.89 35.44 -1.88
C1 TRS U . -5.04 36.97 -2.03
C2 TRS U . -3.40 35.09 -1.79
C3 TRS U . -5.54 34.71 -3.08
N TRS U . -5.48 34.99 -0.64
O1 TRS U . -6.26 37.43 -1.50
O2 TRS U . -3.16 33.90 -1.09
O3 TRS U . -6.91 34.37 -2.95
C1 GOL V . 8.40 29.60 -15.39
O1 GOL V . 9.60 29.73 -14.70
C2 GOL V . 7.78 30.98 -15.35
O2 GOL V . 7.90 31.45 -14.05
C3 GOL V . 8.54 31.85 -16.36
O3 GOL V . 8.83 33.14 -15.89
C1 GOL W . 4.52 36.29 -22.74
O1 GOL W . 5.91 36.25 -22.70
C2 GOL W . 4.07 37.70 -23.14
O2 GOL W . 4.74 38.10 -24.28
C3 GOL W . 4.37 38.68 -22.02
O3 GOL W . 4.23 37.98 -20.81
C1 GOL X . -19.23 7.02 -5.39
O1 GOL X . -18.13 6.34 -5.96
C2 GOL X . -20.48 6.14 -5.38
O2 GOL X . -21.31 6.41 -4.29
C3 GOL X . -21.27 6.33 -6.67
O3 GOL X . -21.11 5.14 -7.37
C1 GOL Y . -9.10 5.15 3.60
O1 GOL Y . -8.61 6.07 4.52
C2 GOL Y . -10.52 4.69 3.95
O2 GOL Y . -11.30 4.65 2.79
C3 GOL Y . -11.17 5.62 4.99
O3 GOL Y . -11.75 6.71 4.34
C1 GOL Z . 6.78 33.04 -3.97
O1 GOL Z . 7.27 32.93 -5.28
C2 GOL Z . 5.48 32.24 -3.82
O2 GOL Z . 4.41 33.12 -3.62
C3 GOL Z . 5.62 31.26 -2.66
O3 GOL Z . 4.54 30.36 -2.64
C1 GOL AA . 1.96 12.88 -20.70
O1 GOL AA . 0.74 13.33 -21.21
C2 GOL AA . 2.79 12.22 -21.81
O2 GOL AA . 3.82 11.44 -21.25
C3 GOL AA . 3.41 13.26 -22.74
O3 GOL AA . 3.51 14.50 -22.10
C1 GOL BA . -6.29 27.21 -32.26
O1 GOL BA . -6.54 27.46 -30.91
C2 GOL BA . -7.10 26.00 -32.72
O2 GOL BA . -7.27 26.03 -34.12
C3 GOL BA . -8.47 25.97 -32.03
O3 GOL BA . -8.37 25.30 -30.80
C1 GOL CA . -6.32 20.96 -29.48
O1 GOL CA . -5.57 19.81 -29.27
C2 GOL CA . -7.79 20.70 -29.13
O2 GOL CA . -8.41 19.98 -30.16
C3 GOL CA . -8.47 22.04 -28.95
O3 GOL CA . -9.55 22.18 -29.82
C1 GOL DA . -6.61 35.76 -27.82
O1 GOL DA . -7.47 36.25 -26.82
C2 GOL DA . -7.24 34.60 -28.58
O2 GOL DA . -7.41 34.94 -29.92
C3 GOL DA . -6.38 33.35 -28.52
O3 GOL DA . -5.00 33.64 -28.57
C1 CIT EA . 16.08 -19.52 -6.90
O1 CIT EA . 15.11 -18.95 -7.43
O2 CIT EA . 17.14 -18.87 -6.69
C2 CIT EA . 16.05 -20.99 -6.50
C3 CIT EA . 14.67 -21.53 -6.11
O7 CIT EA . 13.99 -21.90 -7.27
C4 CIT EA . 14.93 -22.75 -5.23
C5 CIT EA . 13.63 -23.44 -4.81
O3 CIT EA . 13.74 -24.42 -4.03
O4 CIT EA . 12.50 -23.05 -5.23
C6 CIT EA . 13.89 -20.47 -5.31
O5 CIT EA . 12.69 -20.23 -5.56
O6 CIT EA . 14.46 -19.84 -4.38
FE FE2 FA . 11.82 -21.80 -6.64
C1 GOL GA . 1.52 -30.61 -30.83
O1 GOL GA . 0.20 -31.03 -30.58
C2 GOL GA . 2.30 -30.71 -29.53
O2 GOL GA . 2.42 -32.08 -29.21
C3 GOL GA . 1.51 -29.99 -28.43
O3 GOL GA . 1.32 -28.65 -28.81
C1 GOL HA . 1.45 -14.06 6.46
O1 GOL HA . 2.11 -13.91 7.69
C2 GOL HA . 2.19 -13.14 5.50
O2 GOL HA . 1.41 -12.77 4.39
C3 GOL HA . 3.51 -13.82 5.12
O3 GOL HA . 4.30 -14.08 6.27
C1 GOL IA . 22.58 -17.60 -3.86
O1 GOL IA . 21.68 -17.43 -4.92
C2 GOL IA . 22.42 -19.02 -3.33
O2 GOL IA . 22.67 -19.04 -1.96
C3 GOL IA . 23.43 -19.91 -4.04
O3 GOL IA . 24.73 -19.54 -3.66
C1 GOL JA . -11.19 -18.40 -9.27
O1 GOL JA . -12.07 -19.11 -8.43
C2 GOL JA . -11.50 -16.90 -9.32
O2 GOL JA . -10.68 -16.33 -10.31
C3 GOL JA . -11.18 -16.23 -7.98
O3 GOL JA . -11.54 -14.88 -8.02
C1 GOL KA . 18.35 -15.20 9.80
O1 GOL KA . 17.79 -13.91 9.89
C2 GOL KA . 19.54 -15.18 8.84
O2 GOL KA . 19.24 -14.38 7.72
C3 GOL KA . 19.87 -16.61 8.39
O3 GOL KA . 18.94 -17.06 7.44
C1 GOL LA . 14.68 -23.78 14.32
O1 GOL LA . 15.61 -24.82 14.15
C2 GOL LA . 15.17 -22.48 13.66
O2 GOL LA . 14.62 -21.37 14.32
C3 GOL LA . 14.79 -22.48 12.17
O3 GOL LA . 13.97 -21.40 11.78
C1 GOL MA . -5.23 -32.94 8.23
O1 GOL MA . -4.03 -32.65 8.91
C2 GOL MA . -6.41 -32.10 8.71
O2 GOL MA . -6.55 -30.93 7.94
C3 GOL MA . -7.68 -32.94 8.57
O3 GOL MA . -8.26 -33.23 9.82
#